data_4BNV
#
_entry.id   4BNV
#
_cell.length_a   53.860
_cell.length_b   108.070
_cell.length_c   146.610
_cell.angle_alpha   90.00
_cell.angle_beta   90.00
_cell.angle_gamma   90.00
#
_symmetry.space_group_name_H-M   'P 21 21 21'
#
loop_
_entity.id
_entity.type
_entity.pdbx_description
1 polymer '3-OXOACYL-[ACYL-CARRIER-PROTEIN] REDUCTASE FABG'
2 non-polymer 1-(2-chlorophenyl)-3-(1-methylbenzimidazol-2-yl)urea
3 water water
#
_entity_poly.entity_id   1
_entity_poly.type   'polypeptide(L)'
_entity_poly.pdbx_seq_one_letter_code
;MHHHHHHSSGVDLGTENLYFQSMSLQGKVALVTGASRGIGQAIALELGRLGAVVIGTATSASGAEKIAETLKANGVEGAG
LVLDVSSDESVAATLEHIQQHLGQPLIVVNNAGITRDNLLVRMKDDEWFDVVNTNLNSLYRLSKAVLRGMTKARWGRIIN
IGSVVGAMGNAGQTNYAAAKAGLEGFTRALAREVGSRAITVNAVAPGFIDTDMTRELPEAQREALLGQIPLGRLGQAEEI
AKVVGFLASDGAAYVTGATVPVNGGMYMS
;
_entity_poly.pdbx_strand_id   A,B,C,D
#
# COMPACT_ATOMS: atom_id res chain seq x y z
N SER A 22 -5.70 12.73 -32.27
CA SER A 22 -5.00 11.40 -32.18
C SER A 22 -5.17 10.71 -30.81
N MET A 23 -5.44 11.51 -29.77
CA MET A 23 -6.16 11.04 -28.55
C MET A 23 -7.63 11.42 -28.76
N SER A 24 -8.41 10.48 -29.29
CA SER A 24 -9.72 10.76 -29.83
C SER A 24 -10.72 9.66 -29.52
N LEU A 25 -11.95 10.09 -29.25
CA LEU A 25 -13.07 9.21 -28.97
C LEU A 25 -14.21 9.32 -30.01
N GLN A 26 -13.86 9.79 -31.22
CA GLN A 26 -14.81 9.90 -32.31
C GLN A 26 -15.53 8.54 -32.47
N GLY A 27 -16.84 8.58 -32.51
CA GLY A 27 -17.62 7.37 -32.72
C GLY A 27 -17.98 6.60 -31.47
N LYS A 28 -17.59 7.12 -30.32
CA LYS A 28 -17.89 6.42 -29.07
C LYS A 28 -18.91 7.16 -28.25
N VAL A 29 -19.72 6.37 -27.56
CA VAL A 29 -20.78 6.89 -26.71
C VAL A 29 -20.29 6.72 -25.28
N ALA A 30 -20.26 7.84 -24.57
CA ALA A 30 -19.86 7.84 -23.18
C ALA A 30 -21.06 8.17 -22.32
N LEU A 31 -21.16 7.49 -21.17
CA LEU A 31 -22.14 7.77 -20.14
C LEU A 31 -21.44 8.32 -18.91
N VAL A 32 -21.89 9.45 -18.42
CA VAL A 32 -21.24 10.10 -17.31
C VAL A 32 -22.30 10.42 -16.28
N THR A 33 -22.31 9.69 -15.18
CA THR A 33 -23.32 9.89 -14.16
C THR A 33 -22.91 11.09 -13.31
N GLY A 34 -23.90 11.80 -12.76
CA GLY A 34 -23.62 12.95 -11.92
C GLY A 34 -22.95 14.05 -12.70
N ALA A 35 -23.44 14.31 -13.91
CA ALA A 35 -22.80 15.25 -14.84
C ALA A 35 -23.34 16.68 -14.83
N SER A 36 -24.19 17.07 -13.86
CA SER A 36 -24.85 18.41 -13.91
C SER A 36 -24.01 19.55 -13.29
N ARG A 37 -23.07 19.19 -12.44
CA ARG A 37 -22.19 20.17 -11.82
C ARG A 37 -20.77 19.62 -11.61
N GLY A 38 -19.89 20.51 -11.19
CA GLY A 38 -18.54 20.16 -10.78
C GLY A 38 -17.78 19.23 -11.70
N ILE A 39 -17.21 18.21 -11.09
CA ILE A 39 -16.32 17.28 -11.73
C ILE A 39 -17.05 16.47 -12.80
N GLY A 40 -18.28 16.05 -12.52
CA GLY A 40 -19.07 15.35 -13.50
C GLY A 40 -19.28 16.20 -14.73
N GLN A 41 -19.54 17.48 -14.54
CA GLN A 41 -19.74 18.37 -15.67
C GLN A 41 -18.45 18.43 -16.48
N ALA A 42 -17.35 18.65 -15.80
CA ALA A 42 -16.07 18.81 -16.44
C ALA A 42 -15.70 17.57 -17.23
N ILE A 43 -16.00 16.41 -16.68
CA ILE A 43 -15.74 15.14 -17.38
C ILE A 43 -16.59 15.03 -18.64
N ALA A 44 -17.89 15.36 -18.54
CA ALA A 44 -18.76 15.37 -19.73
C ALA A 44 -18.24 16.25 -20.84
N LEU A 45 -17.76 17.45 -20.52
CA LEU A 45 -17.24 18.38 -21.53
C LEU A 45 -15.92 17.90 -22.12
N GLU A 46 -15.07 17.32 -21.31
CA GLU A 46 -13.78 16.87 -21.78
C GLU A 46 -13.93 15.70 -22.74
N LEU A 47 -14.76 14.73 -22.40
CA LEU A 47 -15.02 13.62 -23.30
C LEU A 47 -15.72 14.11 -24.56
N GLY A 48 -16.56 15.12 -24.41
CA GLY A 48 -17.17 15.75 -25.54
C GLY A 48 -16.12 16.39 -26.41
N ARG A 49 -15.21 17.12 -25.79
CA ARG A 49 -14.12 17.77 -26.52
C ARG A 49 -13.28 16.78 -27.30
N LEU A 50 -13.11 15.57 -26.78
CA LEU A 50 -12.34 14.55 -27.46
C LEU A 50 -13.15 13.79 -28.54
N GLY A 51 -14.40 14.20 -28.77
CA GLY A 51 -15.18 13.63 -29.86
C GLY A 51 -16.23 12.60 -29.51
N ALA A 52 -16.39 12.28 -28.24
CA ALA A 52 -17.39 11.30 -27.84
C ALA A 52 -18.78 11.91 -27.89
N VAL A 53 -19.78 11.04 -28.10
CA VAL A 53 -21.15 11.42 -27.90
C VAL A 53 -21.43 11.17 -26.43
N VAL A 54 -21.89 12.19 -25.73
CA VAL A 54 -21.94 12.17 -24.28
C VAL A 54 -23.37 12.15 -23.73
N ILE A 55 -23.65 11.18 -22.87
CA ILE A 55 -24.90 11.12 -22.15
C ILE A 55 -24.64 11.39 -20.69
N GLY A 56 -25.11 12.52 -20.20
CA GLY A 56 -24.84 12.94 -18.82
C GLY A 56 -26.11 12.71 -18.04
N THR A 57 -25.99 12.24 -16.81
CA THR A 57 -27.15 11.98 -16.01
C THR A 57 -27.19 12.80 -14.75
N ALA A 58 -28.42 12.95 -14.27
CA ALA A 58 -28.72 13.52 -12.99
C ALA A 58 -29.94 12.82 -12.42
N THR A 59 -30.24 13.04 -11.14
CA THR A 59 -31.38 12.39 -10.48
C THR A 59 -32.70 13.14 -10.66
N SER A 60 -32.64 14.37 -11.19
CA SER A 60 -33.85 15.10 -11.49
C SER A 60 -33.95 15.46 -12.97
N ALA A 61 -35.17 15.80 -13.40
CA ALA A 61 -35.43 16.27 -14.76
C ALA A 61 -34.82 17.62 -15.06
N SER A 62 -34.80 18.50 -14.08
CA SER A 62 -34.21 19.83 -14.27
C SER A 62 -32.70 19.69 -14.46
N GLY A 63 -32.07 18.82 -13.65
CA GLY A 63 -30.66 18.47 -13.80
C GLY A 63 -30.39 17.91 -15.21
N ALA A 64 -31.23 16.98 -15.64
CA ALA A 64 -31.09 16.39 -16.97
C ALA A 64 -31.23 17.42 -18.06
N GLU A 65 -32.18 18.31 -17.91
CA GLU A 65 -32.33 19.36 -18.87
C GLU A 65 -31.12 20.27 -18.86
N LYS A 66 -30.68 20.67 -17.67
CA LYS A 66 -29.54 21.56 -17.61
C LYS A 66 -28.29 20.96 -18.31
N ILE A 67 -28.10 19.65 -18.16
CA ILE A 67 -27.00 18.93 -18.79
C ILE A 67 -27.11 19.08 -20.32
N ALA A 68 -28.29 18.91 -20.86
CA ALA A 68 -28.47 19.06 -22.30
C ALA A 68 -28.08 20.45 -22.76
N GLU A 69 -28.46 21.45 -21.98
CA GLU A 69 -28.20 22.84 -22.33
C GLU A 69 -26.71 23.12 -22.29
N THR A 70 -26.03 22.61 -21.27
CA THR A 70 -24.58 22.71 -21.17
C THR A 70 -23.88 22.04 -22.38
N LEU A 71 -24.30 20.84 -22.74
CA LEU A 71 -23.69 20.15 -23.87
C LEU A 71 -23.82 20.97 -25.17
N LYS A 72 -25.00 21.55 -25.42
CA LYS A 72 -25.18 22.35 -26.64
C LYS A 72 -24.34 23.60 -26.62
N ALA A 73 -24.40 24.31 -25.51
CA ALA A 73 -23.57 25.50 -25.27
C ALA A 73 -22.08 25.25 -25.50
N ASN A 74 -21.62 24.00 -25.43
CA ASN A 74 -20.23 23.68 -25.72
C ASN A 74 -20.07 22.80 -26.95
N GLY A 75 -21.09 22.78 -27.80
CA GLY A 75 -21.01 22.07 -29.07
C GLY A 75 -20.69 20.58 -28.92
N VAL A 76 -21.25 19.95 -27.89
CA VAL A 76 -21.11 18.50 -27.71
C VAL A 76 -22.41 17.78 -28.02
N GLU A 77 -22.34 16.80 -28.91
CA GLU A 77 -23.49 15.95 -29.19
C GLU A 77 -23.77 15.03 -28.02
N GLY A 78 -25.05 14.86 -27.70
CA GLY A 78 -25.44 13.93 -26.65
C GLY A 78 -26.77 14.27 -26.04
N ALA A 79 -26.89 14.06 -24.74
CA ALA A 79 -28.18 14.14 -24.05
C ALA A 79 -28.05 14.13 -22.55
N GLY A 80 -29.06 14.67 -21.89
CA GLY A 80 -29.18 14.57 -20.45
C GLY A 80 -30.29 13.58 -20.14
N LEU A 81 -30.04 12.63 -19.25
CA LEU A 81 -31.08 11.70 -18.80
C LEU A 81 -31.18 11.72 -17.30
N VAL A 82 -32.28 11.18 -16.80
CA VAL A 82 -32.51 11.04 -15.39
C VAL A 82 -32.17 9.63 -15.05
N LEU A 83 -31.29 9.46 -14.06
CA LEU A 83 -30.85 8.15 -13.66
C LEU A 83 -30.66 8.13 -12.17
N ASP A 84 -31.13 7.07 -11.54
CA ASP A 84 -30.91 6.81 -10.12
C ASP A 84 -30.09 5.51 -9.98
N VAL A 85 -28.80 5.67 -9.67
CA VAL A 85 -27.88 4.52 -9.68
C VAL A 85 -28.17 3.55 -8.54
N SER A 86 -28.98 3.96 -7.56
CA SER A 86 -29.35 3.08 -6.45
C SER A 86 -30.47 2.11 -6.82
N SER A 87 -31.08 2.29 -7.98
CA SER A 87 -32.27 1.57 -8.37
C SER A 87 -32.00 0.65 -9.56
N ASP A 88 -32.24 -0.65 -9.39
CA ASP A 88 -32.15 -1.61 -10.51
C ASP A 88 -33.07 -1.27 -11.70
N GLU A 89 -34.28 -0.82 -11.37
CA GLU A 89 -35.28 -0.43 -12.37
C GLU A 89 -34.78 0.77 -13.17
N SER A 90 -34.35 1.83 -12.47
CA SER A 90 -33.86 3.05 -13.14
C SER A 90 -32.69 2.76 -14.08
N VAL A 91 -31.76 1.94 -13.60
CA VAL A 91 -30.58 1.55 -14.37
C VAL A 91 -30.97 0.78 -15.63
N ALA A 92 -31.78 -0.26 -15.48
CA ALA A 92 -32.25 -1.05 -16.63
C ALA A 92 -32.98 -0.19 -17.65
N ALA A 93 -33.93 0.61 -17.17
CA ALA A 93 -34.73 1.47 -18.04
C ALA A 93 -33.86 2.48 -18.80
N THR A 94 -32.96 3.12 -18.08
CA THR A 94 -32.09 4.13 -18.70
C THR A 94 -31.20 3.51 -19.76
N LEU A 95 -30.61 2.37 -19.46
CA LEU A 95 -29.75 1.71 -20.45
C LEU A 95 -30.48 1.35 -21.73
N GLU A 96 -31.68 0.77 -21.60
CA GLU A 96 -32.54 0.45 -22.75
C GLU A 96 -32.82 1.71 -23.62
N HIS A 97 -33.18 2.81 -22.95
CA HIS A 97 -33.40 4.11 -23.60
C HIS A 97 -32.18 4.52 -24.44
N ILE A 98 -31.01 4.37 -23.84
CA ILE A 98 -29.77 4.72 -24.53
C ILE A 98 -29.55 3.81 -25.73
N GLN A 99 -29.78 2.52 -25.55
CA GLN A 99 -29.60 1.56 -26.65
C GLN A 99 -30.49 1.82 -27.86
N GLN A 100 -31.76 2.17 -27.62
CA GLN A 100 -32.71 2.46 -28.70
C GLN A 100 -32.31 3.69 -29.52
N HIS A 101 -31.92 4.75 -28.83
CA HIS A 101 -31.84 6.07 -29.46
C HIS A 101 -30.43 6.50 -29.86
N LEU A 102 -29.41 6.09 -29.10
CA LEU A 102 -28.03 6.55 -29.35
C LEU A 102 -27.00 5.45 -29.60
N GLY A 103 -27.22 4.26 -29.05
CA GLY A 103 -26.27 3.16 -29.17
C GLY A 103 -25.71 2.70 -27.82
N GLN A 104 -24.77 1.78 -27.86
CA GLN A 104 -24.23 1.15 -26.68
C GLN A 104 -23.12 2.01 -26.05
N PRO A 105 -23.23 2.35 -24.74
CA PRO A 105 -22.15 3.15 -24.13
C PRO A 105 -20.96 2.31 -23.78
N LEU A 106 -19.84 2.59 -24.42
CA LEU A 106 -18.64 1.81 -24.22
C LEU A 106 -17.64 2.52 -23.33
N ILE A 107 -17.92 3.80 -23.02
CA ILE A 107 -17.19 4.55 -22.02
C ILE A 107 -18.15 4.97 -20.95
N VAL A 108 -17.88 4.57 -19.71
CA VAL A 108 -18.78 4.82 -18.61
C VAL A 108 -17.98 5.36 -17.46
N VAL A 109 -18.40 6.50 -16.96
CA VAL A 109 -17.74 7.17 -15.88
C VAL A 109 -18.73 7.32 -14.74
N ASN A 110 -18.44 6.66 -13.62
CA ASN A 110 -19.28 6.71 -12.46
C ASN A 110 -18.79 7.81 -11.57
N ASN A 111 -19.57 8.86 -11.49
CA ASN A 111 -19.24 9.93 -10.62
C ASN A 111 -20.32 10.19 -9.58
N ALA A 112 -21.56 9.76 -9.85
CA ALA A 112 -22.65 9.83 -8.88
C ALA A 112 -22.39 8.97 -7.63
N GLY A 113 -22.63 9.54 -6.46
CA GLY A 113 -22.46 8.88 -5.16
C GLY A 113 -23.58 9.22 -4.21
N ILE A 114 -23.25 9.91 -3.12
CA ILE A 114 -24.24 10.35 -2.13
C ILE A 114 -23.97 11.81 -1.68
N GLU A 127 -22.25 5.73 10.07
CA GLU A 127 -22.62 6.00 8.68
C GLU A 127 -21.50 5.84 7.63
N TRP A 128 -20.23 5.94 8.00
CA TRP A 128 -19.14 5.61 7.05
C TRP A 128 -19.46 4.28 6.36
N PHE A 129 -19.91 3.30 7.15
CA PHE A 129 -20.12 1.99 6.61
C PHE A 129 -21.19 2.01 5.54
N ASP A 130 -22.34 2.58 5.85
CA ASP A 130 -23.46 2.62 4.91
C ASP A 130 -23.15 3.43 3.64
N VAL A 131 -22.47 4.55 3.79
CA VAL A 131 -22.08 5.36 2.65
C VAL A 131 -21.26 4.55 1.66
N VAL A 132 -20.21 3.89 2.14
CA VAL A 132 -19.29 3.17 1.26
C VAL A 132 -19.99 1.96 0.68
N ASN A 133 -20.70 1.26 1.54
CA ASN A 133 -21.42 0.07 1.14
C ASN A 133 -22.41 0.38 0.05
N THR A 134 -23.14 1.49 0.22
CA THR A 134 -24.14 1.91 -0.75
C THR A 134 -23.49 2.29 -2.07
N ASN A 135 -22.43 3.09 -2.03
CA ASN A 135 -21.77 3.51 -3.26
C ASN A 135 -21.26 2.36 -4.08
N LEU A 136 -20.62 1.39 -3.42
CA LEU A 136 -20.03 0.27 -4.14
C LEU A 136 -21.11 -0.60 -4.77
N ASN A 137 -22.26 -0.73 -4.11
CA ASN A 137 -23.40 -1.44 -4.71
C ASN A 137 -23.89 -0.71 -5.93
N SER A 138 -23.86 0.63 -5.89
CA SER A 138 -24.22 1.45 -7.05
C SER A 138 -23.21 1.29 -8.20
N LEU A 139 -21.93 1.38 -7.90
CA LEU A 139 -20.91 1.05 -8.91
C LEU A 139 -21.10 -0.31 -9.51
N TYR A 140 -21.40 -1.31 -8.68
CA TYR A 140 -21.50 -2.67 -9.18
C TYR A 140 -22.70 -2.79 -10.08
N ARG A 141 -23.84 -2.30 -9.59
CA ARG A 141 -25.10 -2.32 -10.31
C ARG A 141 -24.96 -1.77 -11.71
N LEU A 142 -24.45 -0.55 -11.79
CA LEU A 142 -24.28 0.12 -13.08
C LEU A 142 -23.23 -0.53 -13.96
N SER A 143 -22.11 -0.90 -13.36
CA SER A 143 -21.03 -1.56 -14.10
C SER A 143 -21.52 -2.86 -14.76
N LYS A 144 -22.21 -3.69 -13.99
CA LYS A 144 -22.75 -4.97 -14.48
C LYS A 144 -23.67 -4.75 -15.67
N ALA A 145 -24.53 -3.73 -15.56
CA ALA A 145 -25.48 -3.45 -16.62
C ALA A 145 -24.81 -3.04 -17.93
N VAL A 146 -23.75 -2.25 -17.87
CA VAL A 146 -23.07 -1.82 -19.10
C VAL A 146 -22.05 -2.78 -19.66
N LEU A 147 -21.74 -3.84 -18.91
CA LEU A 147 -20.78 -4.84 -19.37
C LEU A 147 -21.23 -5.67 -20.55
N ARG A 148 -22.53 -5.90 -20.68
CA ARG A 148 -23.01 -6.73 -21.76
C ARG A 148 -22.67 -6.08 -23.09
N GLY A 149 -22.94 -4.80 -23.21
CA GLY A 149 -22.61 -4.08 -24.43
C GLY A 149 -21.12 -3.95 -24.70
N MET A 150 -20.33 -3.87 -23.63
CA MET A 150 -18.88 -3.75 -23.78
C MET A 150 -18.31 -5.10 -24.20
N THR A 151 -18.83 -6.16 -23.57
CA THR A 151 -18.52 -7.54 -23.95
C THR A 151 -18.83 -7.83 -25.42
N LYS A 152 -19.98 -7.39 -25.90
CA LYS A 152 -20.37 -7.56 -27.30
C LYS A 152 -19.43 -6.86 -28.25
N ALA A 153 -18.99 -5.65 -27.88
CA ALA A 153 -18.05 -4.87 -28.70
C ALA A 153 -16.59 -5.26 -28.50
N ARG A 154 -16.30 -6.11 -27.51
CA ARG A 154 -14.95 -6.50 -27.15
C ARG A 154 -14.06 -5.28 -26.87
N TRP A 155 -14.64 -4.30 -26.22
CA TRP A 155 -13.95 -3.07 -25.92
C TRP A 155 -14.72 -2.30 -24.87
N GLY A 156 -14.00 -1.67 -23.94
CA GLY A 156 -14.65 -0.78 -23.00
C GLY A 156 -13.72 -0.02 -22.07
N ARG A 157 -14.29 1.02 -21.46
CA ARG A 157 -13.63 1.85 -20.47
C ARG A 157 -14.61 2.15 -19.37
N ILE A 158 -14.27 1.72 -18.15
CA ILE A 158 -15.06 2.05 -16.96
C ILE A 158 -14.13 2.82 -16.04
N ILE A 159 -14.57 3.99 -15.61
CA ILE A 159 -13.75 4.86 -14.84
C ILE A 159 -14.58 5.35 -13.66
N ASN A 160 -14.06 5.09 -12.45
CA ASN A 160 -14.78 5.40 -11.25
C ASN A 160 -14.16 6.58 -10.55
N ILE A 161 -14.95 7.59 -10.26
CA ILE A 161 -14.41 8.81 -9.64
C ILE A 161 -14.66 8.75 -8.18
N GLY A 162 -13.61 8.91 -7.39
CA GLY A 162 -13.74 8.91 -5.94
C GLY A 162 -14.30 10.22 -5.42
N SER A 163 -14.65 10.24 -4.16
CA SER A 163 -15.16 11.43 -3.53
C SER A 163 -14.01 12.40 -3.27
N VAL A 164 -14.33 13.67 -3.45
CA VAL A 164 -13.47 14.77 -3.15
C VAL A 164 -13.29 14.95 -1.63
N VAL A 165 -12.10 15.44 -1.23
CA VAL A 165 -11.69 15.83 0.15
C VAL A 165 -12.25 17.16 0.61
N GLY A 166 -12.85 17.18 1.81
CA GLY A 166 -13.45 18.39 2.36
C GLY A 166 -14.53 18.14 3.40
N GLY A 172 -15.01 12.36 8.58
CA GLY A 172 -14.47 13.25 7.55
C GLY A 172 -13.25 12.69 6.86
N GLN A 173 -12.18 12.50 7.62
CA GLN A 173 -10.98 11.82 7.17
C GLN A 173 -11.27 10.32 7.08
N THR A 174 -12.05 9.86 8.06
CA THR A 174 -12.46 8.46 8.16
C THR A 174 -13.29 8.05 6.96
N ASN A 175 -14.36 8.81 6.69
CA ASN A 175 -15.21 8.54 5.55
C ASN A 175 -14.40 8.56 4.26
N TYR A 176 -13.52 9.56 4.14
CA TYR A 176 -12.70 9.72 2.97
C TYR A 176 -11.78 8.52 2.75
N ALA A 177 -11.12 8.05 3.79
CA ALA A 177 -10.12 6.98 3.60
C ALA A 177 -10.81 5.66 3.34
N ALA A 178 -11.95 5.50 4.00
CA ALA A 178 -12.76 4.32 3.85
C ALA A 178 -13.28 4.25 2.39
N ALA A 179 -13.87 5.34 1.93
CA ALA A 179 -14.44 5.35 0.58
C ALA A 179 -13.35 5.09 -0.46
N LYS A 180 -12.16 5.62 -0.23
CA LYS A 180 -11.04 5.42 -1.15
C LYS A 180 -10.55 3.96 -1.10
N ALA A 181 -10.48 3.36 0.08
CA ALA A 181 -10.01 2.00 0.17
C ALA A 181 -10.93 1.06 -0.60
N GLY A 182 -12.23 1.25 -0.44
CA GLY A 182 -13.23 0.47 -1.14
C GLY A 182 -13.21 0.64 -2.64
N LEU A 183 -13.13 1.88 -3.07
CA LEU A 183 -13.02 2.16 -4.49
C LEU A 183 -11.78 1.49 -5.15
N GLU A 184 -10.64 1.57 -4.49
CA GLU A 184 -9.42 1.00 -5.02
C GLU A 184 -9.54 -0.50 -5.15
N GLY A 185 -10.11 -1.13 -4.14
CA GLY A 185 -10.15 -2.58 -4.11
C GLY A 185 -11.19 -3.05 -5.12
N PHE A 186 -12.33 -2.38 -5.12
CA PHE A 186 -13.39 -2.68 -6.06
C PHE A 186 -12.91 -2.60 -7.49
N THR A 187 -12.25 -1.50 -7.79
CA THR A 187 -11.76 -1.24 -9.13
C THR A 187 -10.76 -2.33 -9.61
N ARG A 188 -9.86 -2.70 -8.71
CA ARG A 188 -8.85 -3.69 -9.00
C ARG A 188 -9.53 -5.04 -9.26
N ALA A 189 -10.53 -5.39 -8.46
CA ALA A 189 -11.18 -6.70 -8.64
C ALA A 189 -11.98 -6.74 -9.94
N LEU A 190 -12.73 -5.69 -10.20
CA LEU A 190 -13.56 -5.69 -11.38
C LEU A 190 -12.67 -5.76 -12.61
N ALA A 191 -11.56 -5.03 -12.58
CA ALA A 191 -10.62 -5.01 -13.70
C ALA A 191 -10.15 -6.42 -14.00
N ARG A 192 -9.86 -7.20 -12.97
CA ARG A 192 -9.44 -8.58 -13.14
C ARG A 192 -10.54 -9.45 -13.74
N GLU A 193 -11.78 -9.20 -13.34
CA GLU A 193 -12.91 -9.99 -13.82
C GLU A 193 -13.12 -9.77 -15.32
N VAL A 194 -12.97 -8.54 -15.78
CA VAL A 194 -13.43 -8.20 -17.13
C VAL A 194 -12.31 -7.99 -18.16
N GLY A 195 -11.06 -8.09 -17.74
CA GLY A 195 -9.92 -7.83 -18.61
C GLY A 195 -9.81 -8.67 -19.88
N SER A 196 -10.11 -9.97 -19.80
CA SER A 196 -10.04 -10.85 -20.98
C SER A 196 -10.85 -10.29 -22.15
N ARG A 197 -11.84 -9.46 -21.86
CA ARG A 197 -12.70 -8.87 -22.88
C ARG A 197 -12.19 -7.53 -23.42
N ALA A 198 -10.98 -7.13 -23.02
CA ALA A 198 -10.36 -5.85 -23.43
C ALA A 198 -11.17 -4.64 -22.95
N ILE A 199 -11.69 -4.77 -21.73
CA ILE A 199 -12.36 -3.69 -21.04
C ILE A 199 -11.43 -3.31 -19.90
N THR A 200 -11.05 -2.04 -19.81
CA THR A 200 -10.26 -1.60 -18.68
C THR A 200 -11.15 -0.94 -17.64
N VAL A 201 -10.72 -1.03 -16.39
CA VAL A 201 -11.46 -0.47 -15.29
C VAL A 201 -10.45 0.22 -14.37
N ASN A 202 -10.61 1.53 -14.25
CA ASN A 202 -9.72 2.34 -13.46
C ASN A 202 -10.47 3.33 -12.60
N ALA A 203 -9.76 3.96 -11.69
CA ALA A 203 -10.35 4.95 -10.81
C ALA A 203 -9.51 6.18 -10.74
N VAL A 204 -10.15 7.29 -10.43
CA VAL A 204 -9.43 8.54 -10.21
C VAL A 204 -9.83 9.02 -8.84
N ALA A 205 -8.83 9.27 -8.01
CA ALA A 205 -9.03 9.68 -6.62
C ALA A 205 -8.65 11.15 -6.41
N PRO A 206 -9.65 12.04 -6.45
CA PRO A 206 -9.36 13.44 -6.26
C PRO A 206 -8.92 13.78 -4.86
N GLY A 207 -8.04 14.78 -4.76
CA GLY A 207 -7.73 15.40 -3.49
C GLY A 207 -8.69 16.58 -3.27
N PHE A 208 -8.14 17.73 -2.91
CA PHE A 208 -8.91 18.93 -2.63
C PHE A 208 -9.17 19.70 -3.91
N ILE A 209 -10.38 19.55 -4.46
CA ILE A 209 -10.73 20.18 -5.75
C ILE A 209 -11.64 21.36 -5.52
N ASP A 210 -11.50 22.36 -6.40
CA ASP A 210 -12.32 23.56 -6.36
C ASP A 210 -13.73 23.29 -6.93
N THR A 211 -14.72 23.15 -6.04
CA THR A 211 -16.06 22.84 -6.49
C THR A 211 -17.10 23.55 -5.62
N ASP A 212 -18.37 23.41 -5.99
CA ASP A 212 -19.48 24.08 -5.30
C ASP A 212 -19.50 23.72 -3.80
N MET A 213 -19.18 22.46 -3.49
CA MET A 213 -19.14 21.95 -2.12
C MET A 213 -17.94 22.49 -1.31
N THR A 214 -16.79 22.74 -1.97
CA THR A 214 -15.57 23.18 -1.29
C THR A 214 -15.34 24.68 -1.26
N ARG A 215 -15.99 25.42 -2.16
CA ARG A 215 -15.74 26.87 -2.33
C ARG A 215 -16.06 27.65 -1.08
N GLU A 216 -17.04 27.16 -0.32
CA GLU A 216 -17.46 27.81 0.89
C GLU A 216 -17.38 26.86 2.07
N LEU A 217 -16.22 26.25 2.21
CA LEU A 217 -15.80 25.69 3.47
C LEU A 217 -15.23 26.83 4.28
N PRO A 218 -15.37 26.75 5.60
CA PRO A 218 -14.77 27.80 6.43
C PRO A 218 -13.27 28.01 6.13
N GLU A 219 -12.82 29.26 6.14
CA GLU A 219 -11.42 29.57 5.87
C GLU A 219 -10.39 28.78 6.70
N ALA A 220 -10.72 28.39 7.93
CA ALA A 220 -9.73 27.68 8.75
C ALA A 220 -9.45 26.33 8.14
N GLN A 221 -10.49 25.61 7.79
CA GLN A 221 -10.36 24.29 7.17
C GLN A 221 -9.73 24.36 5.79
N ARG A 222 -10.07 25.38 5.01
CA ARG A 222 -9.46 25.57 3.71
C ARG A 222 -7.94 25.77 3.86
N GLU A 223 -7.52 26.64 4.78
CA GLU A 223 -6.10 26.95 4.96
C GLU A 223 -5.35 25.75 5.48
N ALA A 224 -6.00 24.97 6.35
CA ALA A 224 -5.41 23.76 6.87
C ALA A 224 -5.20 22.74 5.75
N LEU A 225 -6.11 22.73 4.79
CA LEU A 225 -5.97 21.81 3.67
C LEU A 225 -4.89 22.28 2.68
N LEU A 226 -4.82 23.57 2.36
CA LEU A 226 -3.73 24.11 1.52
C LEU A 226 -2.33 23.88 2.10
N GLY A 227 -2.25 23.83 3.43
CA GLY A 227 -0.98 23.57 4.11
C GLY A 227 -0.51 22.13 3.98
N GLN A 228 -1.45 21.21 3.73
CA GLN A 228 -1.17 19.80 3.51
C GLN A 228 -0.92 19.45 2.02
N ILE A 229 -1.06 20.42 1.11
CA ILE A 229 -0.93 20.19 -0.34
C ILE A 229 0.34 20.84 -0.90
N PRO A 230 1.36 20.03 -1.28
CA PRO A 230 2.64 20.55 -1.82
C PRO A 230 2.46 21.57 -2.93
N LEU A 231 1.53 21.35 -3.87
CA LEU A 231 1.35 22.33 -4.93
C LEU A 231 0.84 23.67 -4.39
N GLY A 232 0.35 23.69 -3.16
CA GLY A 232 -0.11 24.91 -2.53
C GLY A 232 -1.33 25.54 -3.16
N ARG A 233 -2.16 24.73 -3.79
CA ARG A 233 -3.41 25.22 -4.37
C ARG A 233 -4.40 24.09 -4.50
N LEU A 234 -5.64 24.45 -4.78
CA LEU A 234 -6.70 23.51 -5.01
C LEU A 234 -6.64 23.11 -6.42
N GLY A 235 -7.06 21.89 -6.72
CA GLY A 235 -7.15 21.45 -8.09
C GLY A 235 -8.41 21.99 -8.74
N GLN A 236 -8.41 22.09 -10.06
CA GLN A 236 -9.62 22.46 -10.78
C GLN A 236 -10.34 21.18 -11.21
N ALA A 237 -11.65 21.28 -11.40
CA ALA A 237 -12.44 20.15 -11.90
C ALA A 237 -11.91 19.69 -13.25
N GLU A 238 -11.45 20.61 -14.09
CA GLU A 238 -10.86 20.28 -15.40
C GLU A 238 -9.65 19.34 -15.27
N GLU A 239 -8.90 19.48 -14.19
CA GLU A 239 -7.69 18.69 -13.99
C GLU A 239 -8.02 17.24 -13.69
N ILE A 240 -9.17 17.00 -13.08
CA ILE A 240 -9.68 15.64 -12.94
C ILE A 240 -10.14 15.16 -14.31
N ALA A 241 -10.88 16.00 -15.01
CA ALA A 241 -11.43 15.64 -16.29
C ALA A 241 -10.35 15.25 -17.29
N LYS A 242 -9.18 15.89 -17.24
CA LYS A 242 -8.12 15.57 -18.21
C LYS A 242 -7.61 14.16 -18.00
N VAL A 243 -7.57 13.73 -16.72
CA VAL A 243 -7.07 12.41 -16.39
C VAL A 243 -8.05 11.34 -16.91
N VAL A 244 -9.34 11.59 -16.67
CA VAL A 244 -10.40 10.70 -17.10
C VAL A 244 -10.33 10.55 -18.60
N GLY A 245 -10.07 11.66 -19.28
CA GLY A 245 -9.97 11.67 -20.74
C GLY A 245 -8.85 10.79 -21.26
N PHE A 246 -7.69 10.87 -20.63
CA PHE A 246 -6.59 10.03 -21.03
C PHE A 246 -6.93 8.53 -20.82
N LEU A 247 -7.55 8.20 -19.67
CA LEU A 247 -7.88 6.81 -19.36
C LEU A 247 -8.91 6.21 -20.33
N ALA A 248 -9.79 7.05 -20.84
CA ALA A 248 -10.76 6.65 -21.86
C ALA A 248 -10.14 6.44 -23.26
N SER A 249 -8.92 6.95 -23.47
CA SER A 249 -8.26 6.88 -24.78
C SER A 249 -7.63 5.53 -25.10
N ASP A 250 -7.24 5.35 -26.35
CA ASP A 250 -6.62 4.10 -26.79
C ASP A 250 -5.24 3.95 -26.19
N GLY A 251 -4.60 5.07 -25.91
CA GLY A 251 -3.25 5.05 -25.34
C GLY A 251 -3.16 4.53 -23.91
N ALA A 252 -4.28 4.54 -23.18
CA ALA A 252 -4.34 3.98 -21.83
C ALA A 252 -4.91 2.54 -21.83
N ALA A 253 -4.75 1.84 -22.96
CA ALA A 253 -5.28 0.46 -23.09
C ALA A 253 -4.57 -0.59 -22.24
N TYR A 254 -3.34 -0.31 -21.80
CA TYR A 254 -2.62 -1.25 -20.93
C TYR A 254 -2.71 -0.84 -19.45
N VAL A 255 -3.46 0.23 -19.17
CA VAL A 255 -3.70 0.68 -17.80
C VAL A 255 -5.02 0.11 -17.37
N THR A 256 -5.00 -0.78 -16.39
CA THR A 256 -6.25 -1.29 -15.84
C THR A 256 -6.05 -1.74 -14.41
N GLY A 257 -7.09 -1.55 -13.61
CA GLY A 257 -7.03 -1.82 -12.17
C GLY A 257 -6.33 -0.73 -11.37
N ALA A 258 -6.00 0.36 -12.02
CA ALA A 258 -5.28 1.44 -11.36
C ALA A 258 -6.22 2.45 -10.75
N THR A 259 -5.76 3.06 -9.69
CA THR A 259 -6.37 4.24 -9.12
C THR A 259 -5.35 5.33 -9.21
N VAL A 260 -5.63 6.35 -10.00
CA VAL A 260 -4.74 7.46 -10.19
C VAL A 260 -5.15 8.57 -9.22
N PRO A 261 -4.29 8.88 -8.27
CA PRO A 261 -4.55 10.02 -7.41
C PRO A 261 -4.25 11.36 -8.08
N VAL A 262 -5.17 12.30 -7.93
CA VAL A 262 -5.06 13.61 -8.51
C VAL A 262 -5.27 14.63 -7.40
N ASN A 263 -4.22 14.82 -6.59
CA ASN A 263 -4.33 15.51 -5.33
C ASN A 263 -3.20 16.49 -5.04
N GLY A 264 -2.50 16.92 -6.06
CA GLY A 264 -1.40 17.86 -5.90
C GLY A 264 -0.35 17.48 -4.86
N GLY A 265 -0.23 16.18 -4.59
CA GLY A 265 0.81 15.65 -3.70
C GLY A 265 0.38 15.41 -2.26
N MET A 266 -0.89 15.57 -1.99
CA MET A 266 -1.42 15.41 -0.67
C MET A 266 -2.07 14.04 -0.52
N TYR A 267 -1.42 13.15 0.21
CA TYR A 267 -1.91 11.76 0.33
C TYR A 267 -2.49 11.41 1.69
N MET A 268 -3.81 11.14 1.71
CA MET A 268 -4.55 10.69 2.88
C MET A 268 -5.54 9.60 2.46
N MET B 23 -0.15 -9.14 28.92
CA MET B 23 -0.01 -10.34 29.82
C MET B 23 -0.92 -11.53 29.40
N SER B 24 -1.90 -11.82 30.24
CA SER B 24 -2.80 -12.92 30.09
C SER B 24 -4.20 -12.34 29.84
N LEU B 25 -5.18 -13.24 29.64
CA LEU B 25 -6.58 -12.87 29.45
C LEU B 25 -7.49 -13.35 30.56
N GLN B 26 -6.89 -13.65 31.70
CA GLN B 26 -7.61 -14.06 32.89
C GLN B 26 -8.73 -13.08 33.15
N GLY B 27 -9.94 -13.57 33.32
CA GLY B 27 -11.09 -12.70 33.59
C GLY B 27 -11.79 -12.12 32.37
N LYS B 28 -11.40 -12.56 31.17
CA LYS B 28 -12.05 -12.04 29.97
C LYS B 28 -12.80 -13.10 29.21
N VAL B 29 -13.89 -12.66 28.61
CA VAL B 29 -14.77 -13.52 27.84
C VAL B 29 -14.50 -13.22 26.38
N ALA B 30 -14.12 -14.25 25.64
CA ALA B 30 -13.86 -14.11 24.24
C ALA B 30 -14.91 -14.86 23.46
N LEU B 31 -15.35 -14.26 22.36
CA LEU B 31 -16.25 -14.87 21.40
C LEU B 31 -15.48 -15.15 20.12
N VAL B 32 -15.55 -16.38 19.63
CA VAL B 32 -14.81 -16.75 18.45
C VAL B 32 -15.79 -17.41 17.52
N THR B 33 -16.14 -16.73 16.45
CA THR B 33 -17.05 -17.29 15.47
C THR B 33 -16.29 -18.25 14.56
N GLY B 34 -17.00 -19.27 14.05
CA GLY B 34 -16.36 -20.26 13.16
C GLY B 34 -15.29 -21.10 13.83
N ALA B 35 -15.55 -21.54 15.07
CA ALA B 35 -14.54 -22.14 15.93
C ALA B 35 -14.49 -23.65 15.91
N SER B 36 -15.19 -24.30 14.99
CA SER B 36 -15.32 -25.77 15.06
C SER B 36 -14.18 -26.55 14.38
N ARG B 37 -13.48 -25.90 13.46
CA ARG B 37 -12.35 -26.54 12.82
C ARG B 37 -11.24 -25.51 12.53
N GLY B 38 -10.12 -26.01 12.04
CA GLY B 38 -9.05 -25.22 11.54
C GLY B 38 -8.64 -24.05 12.39
N ILE B 39 -8.56 -22.89 11.74
CA ILE B 39 -8.04 -21.67 12.34
C ILE B 39 -8.91 -21.21 13.50
N GLY B 40 -10.22 -21.28 13.33
CA GLY B 40 -11.14 -20.89 14.38
C GLY B 40 -10.93 -21.75 15.61
N GLN B 41 -10.74 -23.05 15.43
CA GLN B 41 -10.49 -23.93 16.57
C GLN B 41 -9.21 -23.53 17.28
N ALA B 42 -8.14 -23.38 16.50
CA ALA B 42 -6.83 -23.06 17.04
C ALA B 42 -6.92 -21.74 17.80
N ILE B 43 -7.67 -20.77 17.28
CA ILE B 43 -7.85 -19.48 17.98
C ILE B 43 -8.56 -19.68 19.31
N ALA B 44 -9.66 -20.45 19.30
CA ALA B 44 -10.37 -20.75 20.55
C ALA B 44 -9.46 -21.36 21.63
N LEU B 45 -8.62 -22.32 21.26
CA LEU B 45 -7.72 -22.98 22.23
C LEU B 45 -6.63 -22.07 22.72
N GLU B 46 -6.10 -21.24 21.82
CA GLU B 46 -5.04 -20.34 22.20
C GLU B 46 -5.53 -19.29 23.17
N LEU B 47 -6.70 -18.70 22.91
CA LEU B 47 -7.28 -17.75 23.86
C LEU B 47 -7.64 -18.45 25.17
N GLY B 48 -8.09 -19.69 25.07
CA GLY B 48 -8.34 -20.50 26.26
C GLY B 48 -7.07 -20.74 27.05
N ARG B 49 -6.00 -21.08 26.36
CA ARG B 49 -4.71 -21.29 26.98
C ARG B 49 -4.24 -20.02 27.70
N LEU B 50 -4.55 -18.84 27.17
CA LEU B 50 -4.14 -17.58 27.79
C LEU B 50 -5.09 -17.15 28.91
N GLY B 51 -6.09 -17.97 29.25
CA GLY B 51 -6.89 -17.70 30.44
C GLY B 51 -8.27 -17.13 30.22
N ALA B 52 -8.65 -16.91 28.96
CA ALA B 52 -9.95 -16.39 28.66
C ALA B 52 -11.02 -17.46 28.81
N VAL B 53 -12.24 -17.03 29.09
CA VAL B 53 -13.42 -17.87 28.97
C VAL B 53 -13.89 -17.76 27.53
N VAL B 54 -14.01 -18.88 26.85
CA VAL B 54 -14.15 -18.89 25.39
C VAL B 54 -15.53 -19.40 24.95
N ILE B 55 -16.20 -18.61 24.12
CA ILE B 55 -17.42 -19.01 23.50
C ILE B 55 -17.14 -19.18 22.03
N GLY B 56 -17.21 -20.41 21.55
CA GLY B 56 -16.96 -20.68 20.17
C GLY B 56 -18.30 -20.91 19.49
N THR B 57 -18.45 -20.42 18.26
CA THR B 57 -19.68 -20.63 17.55
C THR B 57 -19.50 -21.42 16.25
N ALA B 58 -20.60 -22.04 15.84
CA ALA B 58 -20.72 -22.66 14.52
C ALA B 58 -22.15 -22.44 14.06
N THR B 59 -22.41 -22.74 12.79
CA THR B 59 -23.77 -22.56 12.24
C THR B 59 -24.68 -23.76 12.47
N SER B 60 -24.13 -24.88 12.93
CA SER B 60 -24.95 -26.05 13.27
C SER B 60 -24.79 -26.47 14.73
N ALA B 61 -25.74 -27.28 15.19
CA ALA B 61 -25.72 -27.83 16.56
C ALA B 61 -24.62 -28.86 16.75
N SER B 62 -24.31 -29.63 15.72
CA SER B 62 -23.23 -30.61 15.79
C SER B 62 -21.88 -29.92 15.91
N GLY B 63 -21.71 -28.85 15.14
CA GLY B 63 -20.55 -27.96 15.27
C GLY B 63 -20.43 -27.36 16.66
N ALA B 64 -21.54 -26.84 17.18
CA ALA B 64 -21.56 -26.29 18.53
C ALA B 64 -21.20 -27.33 19.59
N GLU B 65 -21.74 -28.54 19.44
CA GLU B 65 -21.40 -29.65 20.34
C GLU B 65 -19.91 -29.97 20.26
N LYS B 66 -19.40 -30.11 19.05
CA LYS B 66 -17.98 -30.42 18.85
C LYS B 66 -17.09 -29.40 19.57
N ILE B 67 -17.47 -28.13 19.45
CA ILE B 67 -16.71 -27.06 20.08
C ILE B 67 -16.65 -27.25 21.59
N ALA B 68 -17.80 -27.55 22.21
CA ALA B 68 -17.84 -27.75 23.65
C ALA B 68 -16.94 -28.88 24.07
N GLU B 69 -16.96 -29.95 23.28
CA GLU B 69 -16.18 -31.15 23.58
C GLU B 69 -14.70 -30.82 23.53
N THR B 70 -14.31 -30.09 22.48
CA THR B 70 -12.92 -29.68 22.34
C THR B 70 -12.47 -28.79 23.53
N LEU B 71 -13.29 -27.82 23.91
CA LEU B 71 -12.93 -26.95 25.01
C LEU B 71 -12.73 -27.72 26.32
N LYS B 72 -13.65 -28.65 26.64
CA LYS B 72 -13.52 -29.44 27.88
C LYS B 72 -12.28 -30.31 27.85
N ALA B 73 -12.10 -31.02 26.73
CA ALA B 73 -10.90 -31.84 26.52
C ALA B 73 -9.59 -31.09 26.75
N ASN B 74 -9.59 -29.76 26.59
CA ASN B 74 -8.39 -28.95 26.78
C ASN B 74 -8.49 -28.07 28.02
N GLY B 75 -9.45 -28.36 28.89
CA GLY B 75 -9.59 -27.65 30.15
C GLY B 75 -9.84 -26.17 30.00
N VAL B 76 -10.62 -25.80 28.98
CA VAL B 76 -10.95 -24.39 28.74
C VAL B 76 -12.39 -24.17 29.12
N GLU B 77 -12.62 -23.22 30.01
CA GLU B 77 -13.98 -22.85 30.42
C GLU B 77 -14.66 -22.06 29.31
N GLY B 78 -15.95 -22.34 29.09
CA GLY B 78 -16.67 -21.67 28.02
C GLY B 78 -17.91 -22.38 27.53
N ALA B 79 -18.12 -22.37 26.20
CA ALA B 79 -19.28 -22.99 25.57
C ALA B 79 -19.23 -22.97 24.04
N GLY B 80 -20.01 -23.87 23.43
CA GLY B 80 -20.26 -23.86 21.97
C GLY B 80 -21.68 -23.40 21.74
N LEU B 81 -21.87 -22.42 20.87
CA LEU B 81 -23.20 -21.93 20.54
C LEU B 81 -23.39 -21.98 19.04
N VAL B 82 -24.64 -21.87 18.63
CA VAL B 82 -24.98 -21.83 17.24
C VAL B 82 -25.24 -20.37 16.94
N LEU B 83 -24.56 -19.88 15.91
CA LEU B 83 -24.65 -18.47 15.54
C LEU B 83 -24.57 -18.36 14.03
N ASP B 84 -25.45 -17.56 13.45
CA ASP B 84 -25.44 -17.23 12.03
C ASP B 84 -25.17 -15.72 11.88
N VAL B 85 -23.95 -15.37 11.49
CA VAL B 85 -23.55 -13.95 11.48
C VAL B 85 -24.26 -13.15 10.41
N SER B 86 -24.92 -13.85 9.47
CA SER B 86 -25.65 -13.20 8.39
C SER B 86 -27.04 -12.74 8.82
N SER B 87 -27.45 -13.15 10.03
CA SER B 87 -28.80 -12.92 10.51
C SER B 87 -28.82 -11.98 11.71
N ASP B 88 -29.56 -10.87 11.59
CA ASP B 88 -29.74 -9.94 12.73
C ASP B 88 -30.36 -10.62 13.94
N GLU B 89 -31.33 -11.49 13.69
CA GLU B 89 -32.03 -12.22 14.74
C GLU B 89 -31.07 -13.16 15.49
N SER B 90 -30.33 -13.97 14.74
CA SER B 90 -29.36 -14.90 15.34
C SER B 90 -28.32 -14.18 16.22
N VAL B 91 -27.78 -13.08 15.69
CA VAL B 91 -26.79 -12.26 16.40
C VAL B 91 -27.37 -11.71 17.70
N ALA B 92 -28.53 -11.06 17.61
CA ALA B 92 -29.19 -10.47 18.82
C ALA B 92 -29.45 -11.53 19.86
N ALA B 93 -30.05 -12.63 19.43
CA ALA B 93 -30.41 -13.71 20.34
C ALA B 93 -29.19 -14.32 21.02
N THR B 94 -28.16 -14.62 20.23
CA THR B 94 -26.94 -15.20 20.76
C THR B 94 -26.27 -14.27 21.77
N LEU B 95 -26.17 -12.98 21.46
CA LEU B 95 -25.53 -12.06 22.37
C LEU B 95 -26.23 -11.97 23.71
N GLU B 96 -27.56 -11.85 23.66
CA GLU B 96 -28.41 -11.86 24.88
C GLU B 96 -28.13 -13.08 25.74
N HIS B 97 -28.10 -14.24 25.09
CA HIS B 97 -27.81 -15.46 25.76
C HIS B 97 -26.45 -15.43 26.47
N ILE B 98 -25.44 -14.92 25.78
CA ILE B 98 -24.11 -14.82 26.35
C ILE B 98 -24.12 -13.86 27.54
N GLN B 99 -24.83 -12.75 27.42
CA GLN B 99 -24.93 -11.77 28.52
C GLN B 99 -25.59 -12.33 29.78
N GLN B 100 -26.68 -13.08 29.62
CA GLN B 100 -27.37 -13.67 30.77
C GLN B 100 -26.50 -14.68 31.52
N HIS B 101 -25.80 -15.54 30.77
CA HIS B 101 -25.22 -16.73 31.36
C HIS B 101 -23.70 -16.67 31.64
N LEU B 102 -22.95 -15.94 30.82
CA LEU B 102 -21.49 -15.85 30.96
C LEU B 102 -20.91 -14.46 31.18
N GLY B 103 -21.58 -13.42 30.67
CA GLY B 103 -21.08 -12.05 30.75
C GLY B 103 -20.81 -11.45 29.37
N GLN B 104 -20.25 -10.24 29.35
CA GLN B 104 -20.06 -9.48 28.12
C GLN B 104 -18.77 -9.91 27.44
N PRO B 105 -18.84 -10.27 26.16
CA PRO B 105 -17.62 -10.60 25.48
C PRO B 105 -16.82 -9.36 25.09
N LEU B 106 -15.62 -9.22 25.62
CA LEU B 106 -14.76 -8.08 25.36
C LEU B 106 -13.66 -8.39 24.39
N ILE B 107 -13.47 -9.67 24.07
CA ILE B 107 -12.61 -10.07 22.98
C ILE B 107 -13.48 -10.80 21.98
N VAL B 108 -13.45 -10.32 20.73
CA VAL B 108 -14.30 -10.90 19.69
C VAL B 108 -13.47 -11.13 18.46
N VAL B 109 -13.47 -12.37 18.01
CA VAL B 109 -12.70 -12.77 16.85
C VAL B 109 -13.68 -13.25 15.77
N ASN B 110 -13.75 -12.53 14.67
CA ASN B 110 -14.60 -12.88 13.55
C ASN B 110 -13.80 -13.72 12.61
N ASN B 111 -14.15 -14.99 12.56
CA ASN B 111 -13.53 -15.89 11.64
C ASN B 111 -14.53 -16.54 10.70
N ALA B 112 -15.80 -16.55 11.08
CA ALA B 112 -16.88 -16.99 10.19
C ALA B 112 -17.01 -16.05 8.98
N GLY B 113 -17.12 -16.66 7.80
CA GLY B 113 -17.27 -15.94 6.53
C GLY B 113 -18.07 -16.80 5.59
N ILE B 114 -17.64 -16.86 4.33
CA ILE B 114 -18.27 -17.73 3.34
C ILE B 114 -17.19 -18.41 2.48
N GLU B 127 -20.14 -12.79 -7.86
CA GLU B 127 -19.22 -13.71 -7.19
C GLU B 127 -18.30 -12.97 -6.20
N TRP B 128 -17.15 -12.51 -6.65
CA TRP B 128 -16.23 -11.76 -5.78
C TRP B 128 -16.98 -10.64 -5.05
N PHE B 129 -17.81 -9.89 -5.78
CA PHE B 129 -18.46 -8.73 -5.17
C PHE B 129 -19.38 -9.18 -4.03
N ASP B 130 -20.26 -10.13 -4.28
CA ASP B 130 -21.23 -10.57 -3.25
C ASP B 130 -20.59 -11.20 -2.03
N VAL B 131 -19.55 -12.00 -2.24
CA VAL B 131 -18.82 -12.57 -1.14
C VAL B 131 -18.30 -11.50 -0.20
N VAL B 132 -17.58 -10.52 -0.74
CA VAL B 132 -16.93 -9.50 0.09
C VAL B 132 -17.98 -8.62 0.72
N ASN B 133 -18.97 -8.25 -0.08
CA ASN B 133 -20.05 -7.41 0.40
C ASN B 133 -20.80 -8.05 1.55
N THR B 134 -21.11 -9.32 1.39
CA THR B 134 -21.79 -10.07 2.42
C THR B 134 -20.95 -10.18 3.67
N ASN B 135 -19.68 -10.55 3.54
CA ASN B 135 -18.83 -10.68 4.72
C ASN B 135 -18.71 -9.41 5.53
N LEU B 136 -18.54 -8.28 4.86
CA LEU B 136 -18.34 -7.02 5.56
C LEU B 136 -19.59 -6.60 6.29
N ASN B 137 -20.75 -6.90 5.72
CA ASN B 137 -22.01 -6.67 6.42
C ASN B 137 -22.11 -7.53 7.66
N SER B 138 -21.61 -8.76 7.58
CA SER B 138 -21.54 -9.66 8.75
C SER B 138 -20.61 -9.10 9.80
N LEU B 139 -19.41 -8.72 9.42
CA LEU B 139 -18.48 -8.08 10.35
C LEU B 139 -19.13 -6.87 11.00
N TYR B 140 -19.83 -6.06 10.23
CA TYR B 140 -20.39 -4.82 10.76
C TYR B 140 -21.51 -5.14 11.73
N ARG B 141 -22.40 -6.03 11.33
CA ARG B 141 -23.52 -6.49 12.15
C ARG B 141 -23.04 -6.96 13.52
N LEU B 142 -22.09 -7.89 13.53
CA LEU B 142 -21.62 -8.47 14.76
C LEU B 142 -20.84 -7.46 15.59
N SER B 143 -19.96 -6.71 14.94
CA SER B 143 -19.12 -5.73 15.63
C SER B 143 -19.97 -4.70 16.36
N LYS B 144 -20.99 -4.19 15.68
CA LYS B 144 -21.89 -3.23 16.29
C LYS B 144 -22.58 -3.79 17.52
N ALA B 145 -23.03 -5.02 17.41
CA ALA B 145 -23.74 -5.64 18.51
C ALA B 145 -22.83 -5.78 19.74
N VAL B 146 -21.57 -6.13 19.57
CA VAL B 146 -20.66 -6.31 20.73
C VAL B 146 -20.03 -5.03 21.27
N LEU B 147 -20.20 -3.92 20.56
CA LEU B 147 -19.59 -2.65 20.98
C LEU B 147 -20.20 -2.04 22.23
N ARG B 148 -21.48 -2.31 22.48
CA ARG B 148 -22.12 -1.74 23.67
C ARG B 148 -21.45 -2.26 24.91
N GLY B 149 -21.24 -3.56 24.98
CA GLY B 149 -20.53 -4.14 26.15
C GLY B 149 -19.08 -3.71 26.29
N MET B 150 -18.40 -3.49 25.17
CA MET B 150 -16.99 -3.05 25.20
C MET B 150 -16.92 -1.60 25.63
N THR B 151 -17.85 -0.80 25.11
CA THR B 151 -18.03 0.60 25.51
C THR B 151 -18.28 0.73 27.02
N LYS B 152 -19.14 -0.12 27.55
CA LYS B 152 -19.46 -0.13 28.97
C LYS B 152 -18.24 -0.45 29.84
N ALA B 153 -17.42 -1.40 29.38
CA ALA B 153 -16.19 -1.78 30.08
C ALA B 153 -15.00 -0.87 29.80
N ARG B 154 -15.14 0.03 28.83
CA ARG B 154 -14.04 0.87 28.37
C ARG B 154 -12.83 0.09 27.99
N TRP B 155 -13.06 -1.03 27.33
CA TRP B 155 -11.98 -1.89 26.90
C TRP B 155 -12.51 -2.91 25.89
N GLY B 156 -11.71 -3.21 24.88
CA GLY B 156 -12.11 -4.23 23.94
C GLY B 156 -11.07 -4.57 22.90
N ARG B 157 -11.29 -5.73 22.28
CA ARG B 157 -10.46 -6.27 21.22
C ARG B 157 -11.38 -6.87 20.22
N ILE B 158 -11.32 -6.37 18.99
CA ILE B 158 -12.00 -6.97 17.87
C ILE B 158 -10.95 -7.38 16.85
N ILE B 159 -10.98 -8.63 16.44
CA ILE B 159 -9.97 -9.14 15.55
C ILE B 159 -10.65 -9.89 14.45
N ASN B 160 -10.38 -9.47 13.21
CA ASN B 160 -11.02 -10.03 12.05
C ASN B 160 -10.06 -10.92 11.30
N ILE B 161 -10.46 -12.16 11.03
CA ILE B 161 -9.58 -13.09 10.34
C ILE B 161 -9.95 -13.10 8.89
N GLY B 162 -8.98 -12.87 8.00
CA GLY B 162 -9.24 -12.91 6.57
C GLY B 162 -9.38 -14.34 6.07
N SER B 163 -9.84 -14.49 4.85
CA SER B 163 -9.91 -15.80 4.22
C SER B 163 -8.51 -16.31 3.86
N VAL B 164 -8.33 -17.60 4.07
CA VAL B 164 -7.13 -18.31 3.67
C VAL B 164 -7.10 -18.36 2.14
N VAL B 165 -5.91 -18.27 1.57
CA VAL B 165 -5.84 -18.22 0.12
C VAL B 165 -6.38 -19.54 -0.45
N GLY B 166 -7.35 -19.42 -1.36
CA GLY B 166 -8.03 -20.57 -1.92
C GLY B 166 -9.40 -20.19 -2.46
N GLY B 172 -9.82 -16.45 -7.85
CA GLY B 172 -8.91 -17.10 -6.90
C GLY B 172 -7.97 -16.13 -6.23
N GLN B 173 -7.09 -15.53 -7.04
CA GLN B 173 -6.26 -14.44 -6.56
C GLN B 173 -7.12 -13.16 -6.50
N THR B 174 -8.09 -13.05 -7.41
CA THR B 174 -9.03 -11.92 -7.45
C THR B 174 -9.88 -11.89 -6.19
N ASN B 175 -10.55 -13.00 -5.90
CA ASN B 175 -11.38 -13.09 -4.70
C ASN B 175 -10.55 -12.79 -3.47
N TYR B 176 -9.35 -13.38 -3.41
CA TYR B 176 -8.45 -13.19 -2.29
C TYR B 176 -8.01 -11.73 -2.09
N ALA B 177 -7.66 -11.03 -3.17
CA ALA B 177 -7.16 -9.67 -3.03
C ALA B 177 -8.30 -8.72 -2.69
N ALA B 178 -9.45 -9.02 -3.26
CA ALA B 178 -10.63 -8.22 -3.04
C ALA B 178 -11.04 -8.31 -1.58
N ALA B 179 -11.14 -9.54 -1.09
CA ALA B 179 -11.58 -9.77 0.29
C ALA B 179 -10.60 -9.10 1.25
N LYS B 180 -9.31 -9.11 0.92
CA LYS B 180 -8.29 -8.50 1.75
C LYS B 180 -8.39 -6.96 1.69
N ALA B 181 -8.63 -6.40 0.52
CA ALA B 181 -8.72 -4.94 0.41
C ALA B 181 -9.88 -4.39 1.24
N GLY B 182 -11.01 -5.07 1.19
CA GLY B 182 -12.17 -4.72 1.99
C GLY B 182 -11.96 -4.89 3.47
N LEU B 183 -11.40 -6.00 3.86
CA LEU B 183 -11.09 -6.24 5.26
C LEU B 183 -10.15 -5.18 5.84
N GLU B 184 -9.12 -4.80 5.08
CA GLU B 184 -8.15 -3.81 5.52
C GLU B 184 -8.82 -2.46 5.70
N GLY B 185 -9.66 -2.09 4.75
CA GLY B 185 -10.27 -0.77 4.78
C GLY B 185 -11.30 -0.72 5.89
N PHE B 186 -12.09 -1.78 5.97
CA PHE B 186 -13.12 -1.88 7.00
C PHE B 186 -12.51 -1.78 8.39
N THR B 187 -11.46 -2.56 8.59
CA THR B 187 -10.79 -2.69 9.88
C THR B 187 -10.23 -1.36 10.31
N ARG B 188 -9.62 -0.67 9.36
CA ARG B 188 -9.08 0.60 9.60
C ARG B 188 -10.17 1.64 9.97
N ALA B 189 -11.29 1.61 9.26
CA ALA B 189 -12.35 2.59 9.53
C ALA B 189 -13.00 2.35 10.89
N LEU B 190 -13.26 1.09 11.20
CA LEU B 190 -13.91 0.80 12.44
C LEU B 190 -13.00 1.19 13.60
N ALA B 191 -11.71 0.95 13.43
CA ALA B 191 -10.72 1.25 14.47
C ALA B 191 -10.76 2.73 14.79
N ARG B 192 -10.88 3.55 13.76
CA ARG B 192 -10.98 5.00 13.94
C ARG B 192 -12.25 5.39 14.68
N GLU B 193 -13.35 4.72 14.37
CA GLU B 193 -14.63 5.04 14.99
C GLU B 193 -14.65 4.73 16.49
N VAL B 194 -14.02 3.63 16.90
CA VAL B 194 -14.17 3.14 18.27
C VAL B 194 -12.97 3.35 19.20
N GLY B 195 -11.88 3.89 18.66
CA GLY B 195 -10.62 4.05 19.40
C GLY B 195 -10.68 4.86 20.67
N SER B 196 -11.42 5.95 20.68
CA SER B 196 -11.54 6.78 21.88
C SER B 196 -11.97 5.96 23.11
N ARG B 197 -12.65 4.83 22.87
CA ARG B 197 -13.15 3.98 23.97
C ARG B 197 -12.17 2.92 24.43
N ALA B 198 -10.94 2.99 23.93
CA ALA B 198 -9.88 2.03 24.24
C ALA B 198 -10.26 0.61 23.78
N ILE B 199 -10.89 0.55 22.61
CA ILE B 199 -11.18 -0.68 21.92
C ILE B 199 -10.32 -0.69 20.67
N THR B 200 -9.51 -1.73 20.49
CA THR B 200 -8.72 -1.84 19.28
C THR B 200 -9.39 -2.78 18.29
N VAL B 201 -9.13 -2.54 17.03
CA VAL B 201 -9.73 -3.31 15.95
C VAL B 201 -8.66 -3.60 14.92
N ASN B 202 -8.36 -4.88 14.76
CA ASN B 202 -7.30 -5.34 13.90
C ASN B 202 -7.73 -6.53 13.08
N ALA B 203 -6.93 -6.83 12.07
CA ALA B 203 -7.17 -7.98 11.23
C ALA B 203 -5.92 -8.82 11.04
N VAL B 204 -6.14 -10.11 10.76
CA VAL B 204 -5.04 -11.00 10.46
C VAL B 204 -5.34 -11.60 9.12
N ALA B 205 -4.37 -11.47 8.20
CA ALA B 205 -4.53 -11.90 6.83
C ALA B 205 -3.67 -13.14 6.55
N PRO B 206 -4.25 -14.35 6.63
CA PRO B 206 -3.49 -15.56 6.40
C PRO B 206 -3.12 -15.74 4.97
N GLY B 207 -1.93 -16.31 4.76
CA GLY B 207 -1.52 -16.73 3.44
C GLY B 207 -1.98 -18.17 3.28
N PHE B 208 -1.07 -19.03 2.82
CA PHE B 208 -1.38 -20.42 2.60
CA PHE B 208 -1.37 -20.44 2.62
C PHE B 208 -1.19 -21.22 3.90
N ILE B 209 -2.30 -21.57 4.54
CA ILE B 209 -2.29 -22.27 5.81
C ILE B 209 -2.62 -23.71 5.62
N ASP B 210 -2.06 -24.58 6.46
CA ASP B 210 -2.38 -26.02 6.49
C ASP B 210 -3.75 -26.28 7.15
N THR B 211 -4.75 -26.55 6.34
CA THR B 211 -6.10 -26.78 6.85
C THR B 211 -6.85 -27.85 6.03
N ASP B 212 -8.07 -28.17 6.43
CA ASP B 212 -8.88 -29.21 5.76
C ASP B 212 -8.99 -28.95 4.27
N MET B 213 -9.18 -27.68 3.95
CA MET B 213 -9.40 -27.26 2.58
C MET B 213 -8.11 -27.33 1.73
N THR B 214 -6.96 -27.10 2.35
CA THR B 214 -5.67 -27.09 1.65
C THR B 214 -4.89 -28.41 1.64
N ARG B 215 -5.30 -29.33 2.51
CA ARG B 215 -4.70 -30.68 2.54
C ARG B 215 -4.98 -31.51 1.30
N GLU B 216 -6.13 -31.29 0.68
CA GLU B 216 -6.53 -32.06 -0.48
C GLU B 216 -6.18 -31.35 -1.79
N LEU B 217 -5.22 -30.42 -1.79
CA LEU B 217 -4.85 -29.78 -3.04
C LEU B 217 -3.84 -30.64 -3.79
N PRO B 218 -3.97 -30.71 -5.11
CA PRO B 218 -3.03 -31.51 -5.90
C PRO B 218 -1.57 -31.10 -5.70
N GLU B 219 -0.67 -32.08 -5.66
CA GLU B 219 0.77 -31.85 -5.38
C GLU B 219 1.56 -31.08 -6.47
N ALA B 220 0.93 -30.73 -7.62
CA ALA B 220 1.50 -29.73 -8.57
C ALA B 220 1.26 -28.31 -8.11
N GLN B 221 0.01 -28.00 -7.76
CA GLN B 221 -0.35 -26.68 -7.25
C GLN B 221 0.31 -26.40 -5.89
N ARG B 222 0.42 -27.43 -5.06
CA ARG B 222 1.17 -27.35 -3.81
C ARG B 222 2.59 -26.88 -3.99
N GLU B 223 3.32 -27.58 -4.83
CA GLU B 223 4.72 -27.28 -5.06
C GLU B 223 4.91 -25.90 -5.69
N ALA B 224 3.98 -25.52 -6.57
CA ALA B 224 4.02 -24.19 -7.16
C ALA B 224 3.82 -23.12 -6.11
N LEU B 225 2.97 -23.42 -5.13
CA LEU B 225 2.70 -22.45 -4.07
C LEU B 225 3.85 -22.36 -3.08
N LEU B 226 4.44 -23.49 -2.69
CA LEU B 226 5.64 -23.48 -1.84
C LEU B 226 6.80 -22.71 -2.44
N GLY B 227 6.88 -22.70 -3.78
CA GLY B 227 7.94 -21.98 -4.49
C GLY B 227 7.78 -20.46 -4.46
N GLN B 228 6.56 -20.00 -4.23
CA GLN B 228 6.22 -18.58 -4.08
C GLN B 228 6.25 -18.08 -2.62
N ILE B 229 6.50 -18.98 -1.67
CA ILE B 229 6.49 -18.64 -0.27
C ILE B 229 7.92 -18.75 0.22
N PRO B 230 8.54 -17.60 0.56
CA PRO B 230 9.93 -17.60 0.98
C PRO B 230 10.24 -18.61 2.09
N LEU B 231 9.37 -18.74 3.08
CA LEU B 231 9.65 -19.70 4.14
C LEU B 231 9.64 -21.13 3.63
N GLY B 232 9.12 -21.35 2.43
CA GLY B 232 9.14 -22.68 1.81
C GLY B 232 8.25 -23.71 2.49
N ARG B 233 7.22 -23.26 3.19
CA ARG B 233 6.31 -24.15 3.86
C ARG B 233 4.99 -23.46 4.05
N LEU B 234 3.99 -24.27 4.42
CA LEU B 234 2.66 -23.78 4.74
C LEU B 234 2.67 -23.39 6.17
N GLY B 235 1.83 -22.43 6.51
CA GLY B 235 1.69 -22.05 7.90
C GLY B 235 0.79 -23.05 8.60
N GLN B 236 0.93 -23.16 9.92
CA GLN B 236 0.02 -23.94 10.71
C GLN B 236 -1.10 -23.04 11.26
N ALA B 237 -2.24 -23.64 11.56
CA ALA B 237 -3.35 -22.90 12.15
C ALA B 237 -2.94 -22.28 13.46
N GLU B 238 -2.10 -22.96 14.23
CA GLU B 238 -1.56 -22.44 15.49
C GLU B 238 -0.77 -21.12 15.31
N GLU B 239 -0.12 -20.96 14.16
CA GLU B 239 0.65 -19.77 13.89
C GLU B 239 -0.25 -18.54 13.63
N ILE B 240 -1.45 -18.76 13.12
CA ILE B 240 -2.43 -17.70 13.06
C ILE B 240 -2.91 -17.42 14.46
N ALA B 241 -3.23 -18.49 15.18
CA ALA B 241 -3.75 -18.34 16.54
C ALA B 241 -2.83 -17.57 17.46
N LYS B 242 -1.53 -17.73 17.31
CA LYS B 242 -0.56 -17.01 18.19
C LYS B 242 -0.63 -15.52 17.96
N VAL B 243 -0.83 -15.10 16.71
CA VAL B 243 -0.89 -13.69 16.36
C VAL B 243 -2.14 -13.08 16.96
N VAL B 244 -3.26 -13.79 16.81
CA VAL B 244 -4.54 -13.36 17.38
C VAL B 244 -4.41 -13.19 18.87
N GLY B 245 -3.70 -14.11 19.51
CA GLY B 245 -3.50 -14.07 20.96
C GLY B 245 -2.71 -12.86 21.41
N PHE B 246 -1.66 -12.52 20.68
CA PHE B 246 -0.91 -11.33 21.01
C PHE B 246 -1.77 -10.05 20.86
N LEU B 247 -2.57 -9.98 19.78
CA LEU B 247 -3.41 -8.80 19.52
C LEU B 247 -4.47 -8.61 20.59
N ALA B 248 -4.94 -9.71 21.16
CA ALA B 248 -5.91 -9.69 22.24
C ALA B 248 -5.30 -9.24 23.57
N SER B 249 -3.97 -9.26 23.68
CA SER B 249 -3.26 -8.94 24.95
C SER B 249 -3.15 -7.45 25.24
N ASP B 250 -2.71 -7.12 26.44
CA ASP B 250 -2.53 -5.73 26.87
C ASP B 250 -1.35 -5.10 26.15
N GLY B 251 -0.39 -5.93 25.76
CA GLY B 251 0.79 -5.45 25.07
C GLY B 251 0.57 -4.96 23.65
N ALA B 252 -0.53 -5.38 23.03
CA ALA B 252 -0.92 -4.86 21.71
C ALA B 252 -1.93 -3.70 21.80
N ALA B 253 -1.93 -2.96 22.92
CA ALA B 253 -2.93 -1.91 23.15
C ALA B 253 -2.74 -0.67 22.28
N TYR B 254 -1.54 -0.46 21.72
CA TYR B 254 -1.36 0.66 20.80
C TYR B 254 -1.43 0.24 19.32
N VAL B 255 -1.72 -1.04 19.08
CA VAL B 255 -1.90 -1.56 17.73
C VAL B 255 -3.37 -1.50 17.44
N THR B 256 -3.76 -0.66 16.49
CA THR B 256 -5.15 -0.66 16.08
C THR B 256 -5.24 -0.20 14.64
N GLY B 257 -6.22 -0.76 13.92
CA GLY B 257 -6.38 -0.47 12.51
C GLY B 257 -5.42 -1.22 11.62
N ALA B 258 -4.68 -2.14 12.20
CA ALA B 258 -3.68 -2.86 11.45
C ALA B 258 -4.27 -4.15 10.90
N THR B 259 -3.74 -4.55 9.77
CA THR B 259 -3.89 -5.88 9.26
C THR B 259 -2.51 -6.53 9.26
N VAL B 260 -2.32 -7.57 10.07
CA VAL B 260 -1.08 -8.26 10.17
C VAL B 260 -1.11 -9.43 9.20
N PRO B 261 -0.21 -9.44 8.19
CA PRO B 261 -0.14 -10.58 7.27
C PRO B 261 0.67 -11.70 7.89
N VAL B 262 0.14 -12.91 7.80
CA VAL B 262 0.76 -14.08 8.32
C VAL B 262 0.81 -15.08 7.19
N ASN B 263 1.78 -14.87 6.30
CA ASN B 263 1.83 -15.56 5.03
C ASN B 263 3.23 -16.02 4.63
N GLY B 264 4.12 -16.17 5.59
CA GLY B 264 5.48 -16.64 5.33
C GLY B 264 6.22 -15.89 4.21
N GLY B 265 5.83 -14.64 3.97
CA GLY B 265 6.53 -13.78 3.03
C GLY B 265 5.95 -13.73 1.64
N MET B 266 4.80 -14.37 1.44
CA MET B 266 4.17 -14.42 0.13
C MET B 266 3.01 -13.40 0.06
N TYR B 267 3.26 -12.31 -0.67
CA TYR B 267 2.32 -11.18 -0.72
C TYR B 267 1.65 -11.05 -2.09
N MET B 268 0.34 -11.28 -2.15
CA MET B 268 -0.45 -11.00 -3.39
C MET B 268 -1.21 -9.66 -3.29
N HIS C 2 40.75 6.87 30.51
CA HIS C 2 40.33 6.38 29.16
C HIS C 2 39.01 5.60 29.26
N HIS C 3 38.10 5.88 28.33
CA HIS C 3 36.75 5.33 28.38
C HIS C 3 36.71 3.89 27.88
N HIS C 4 35.82 3.08 28.46
CA HIS C 4 35.69 1.65 28.11
C HIS C 4 34.44 1.40 27.31
N HIS C 5 34.57 0.56 26.29
CA HIS C 5 33.57 0.40 25.25
C HIS C 5 32.82 -0.93 25.34
N HIS C 6 33.22 -1.81 26.28
CA HIS C 6 32.65 -3.15 26.44
C HIS C 6 32.35 -3.33 27.93
N HIS C 7 31.07 -3.32 28.29
CA HIS C 7 30.62 -3.45 29.70
C HIS C 7 29.64 -4.62 29.91
N SER C 8 30.12 -5.81 30.29
CA SER C 8 29.22 -6.98 30.50
C SER C 8 28.50 -6.92 31.85
N LEU C 18 15.21 -18.68 40.71
CA LEU C 18 14.39 -17.57 40.25
C LEU C 18 14.15 -17.61 38.72
N TYR C 19 13.01 -18.16 38.31
CA TYR C 19 12.70 -18.48 36.90
C TYR C 19 11.37 -17.89 36.39
N PHE C 20 11.41 -16.79 35.65
CA PHE C 20 10.15 -16.13 35.20
C PHE C 20 9.46 -16.83 34.05
N GLN C 21 8.12 -16.84 34.09
CA GLN C 21 7.29 -17.59 33.13
C GLN C 21 7.33 -17.00 31.73
N SER C 22 7.63 -15.72 31.66
CA SER C 22 7.83 -15.03 30.38
C SER C 22 9.04 -15.55 29.56
N MET C 23 10.02 -16.13 30.26
CA MET C 23 11.27 -16.49 29.59
C MET C 23 11.21 -17.60 28.53
N SER C 24 10.88 -17.18 27.32
CA SER C 24 10.75 -18.05 26.14
C SER C 24 11.86 -17.93 25.08
N LEU C 25 12.67 -16.88 25.17
CA LEU C 25 13.83 -16.69 24.31
C LEU C 25 15.05 -17.26 25.01
N GLN C 26 14.79 -18.13 25.99
CA GLN C 26 15.87 -18.78 26.75
C GLN C 26 16.99 -19.27 25.88
N GLY C 27 18.22 -18.90 26.18
CA GLY C 27 19.37 -19.36 25.43
C GLY C 27 19.66 -18.63 24.13
N LYS C 28 18.91 -17.57 23.84
CA LYS C 28 19.10 -16.82 22.60
C LYS C 28 19.75 -15.50 22.92
N VAL C 29 20.62 -15.11 22.01
CA VAL C 29 21.39 -13.89 22.14
C VAL C 29 20.77 -12.89 21.18
N ALA C 30 20.36 -11.76 21.75
CA ALA C 30 19.73 -10.71 20.99
C ALA C 30 20.63 -9.50 20.98
N LEU C 31 20.73 -8.88 19.81
CA LEU C 31 21.45 -7.65 19.62
C LEU C 31 20.45 -6.52 19.34
N VAL C 32 20.54 -5.46 20.10
CA VAL C 32 19.61 -4.37 19.99
C VAL C 32 20.39 -3.09 19.86
N THR C 33 20.39 -2.50 18.66
CA THR C 33 21.17 -1.31 18.41
C THR C 33 20.37 -0.13 18.90
N GLY C 34 21.06 0.92 19.33
CA GLY C 34 20.38 2.10 19.82
C GLY C 34 19.57 1.84 21.08
N ALA C 35 20.16 1.09 22.00
CA ALA C 35 19.46 0.62 23.19
C ALA C 35 19.58 1.49 24.43
N SER C 36 20.14 2.70 24.34
CA SER C 36 20.49 3.47 25.56
C SER C 36 19.34 4.32 26.11
N ARG C 37 18.37 4.63 25.26
CA ARG C 37 17.21 5.36 25.71
C ARG C 37 15.95 4.92 24.98
N GLY C 38 14.82 5.48 25.42
CA GLY C 38 13.54 5.30 24.76
C GLY C 38 13.16 3.89 24.33
N ILE C 39 12.78 3.79 23.05
CA ILE C 39 12.29 2.56 22.45
C ILE C 39 13.36 1.45 22.47
N GLY C 40 14.59 1.79 22.12
CA GLY C 40 15.68 0.84 22.14
C GLY C 40 15.90 0.25 23.52
N GLN C 41 15.80 1.10 24.53
CA GLN C 41 15.92 0.62 25.90
C GLN C 41 14.79 -0.34 26.24
N ALA C 42 13.58 0.10 25.98
CA ALA C 42 12.41 -0.71 26.24
C ALA C 42 12.50 -2.07 25.54
N ILE C 43 12.98 -2.08 24.30
CA ILE C 43 13.15 -3.34 23.57
C ILE C 43 14.18 -4.25 24.24
N ALA C 44 15.32 -3.68 24.64
CA ALA C 44 16.33 -4.44 25.40
C ALA C 44 15.82 -5.09 26.68
N LEU C 45 15.02 -4.37 27.46
CA LEU C 45 14.44 -4.93 28.70
C LEU C 45 13.37 -6.00 28.40
N GLU C 46 12.57 -5.79 27.37
CA GLU C 46 11.51 -6.73 27.06
C GLU C 46 12.08 -8.05 26.58
N LEU C 47 13.07 -8.01 25.70
CA LEU C 47 13.75 -9.24 25.28
C LEU C 47 14.51 -9.88 26.46
N GLY C 48 15.04 -9.05 27.34
CA GLY C 48 15.64 -9.55 28.59
C GLY C 48 14.61 -10.25 29.46
N ARG C 49 13.45 -9.61 29.62
CA ARG C 49 12.35 -10.19 30.36
C ARG C 49 11.89 -11.55 29.79
N LEU C 50 11.97 -11.71 28.47
CA LEU C 50 11.61 -12.98 27.83
C LEU C 50 12.77 -13.99 27.82
N GLY C 51 13.88 -13.71 28.49
CA GLY C 51 14.90 -14.72 28.71
C GLY C 51 16.10 -14.69 27.80
N ALA C 52 16.14 -13.73 26.89
CA ALA C 52 17.27 -13.62 26.01
C ALA C 52 18.46 -13.01 26.75
N VAL C 53 19.64 -13.31 26.26
CA VAL C 53 20.84 -12.61 26.66
C VAL C 53 20.95 -11.42 25.72
N VAL C 54 21.04 -10.23 26.29
CA VAL C 54 20.85 -9.01 25.50
C VAL C 54 22.12 -8.20 25.38
N ILE C 55 22.49 -7.89 24.15
CA ILE C 55 23.59 -6.98 23.88
C ILE C 55 22.97 -5.71 23.33
N GLY C 56 23.06 -4.62 24.09
CA GLY C 56 22.55 -3.34 23.65
C GLY C 56 23.72 -2.48 23.20
N THR C 57 23.53 -1.71 22.14
CA THR C 57 24.60 -0.89 21.66
C THR C 57 24.24 0.58 21.68
N ALA C 58 25.29 1.39 21.72
CA ALA C 58 25.26 2.82 21.52
C ALA C 58 26.52 3.23 20.76
N THR C 59 26.56 4.46 20.29
CA THR C 59 27.74 4.94 19.56
C THR C 59 28.82 5.51 20.45
N SER C 60 28.53 5.70 21.72
CA SER C 60 29.56 6.15 22.68
C SER C 60 29.77 5.16 23.81
N ALA C 61 30.90 5.32 24.49
CA ALA C 61 31.25 4.50 25.66
C ALA C 61 30.35 4.78 26.88
N SER C 62 29.93 6.04 27.05
CA SER C 62 29.04 6.40 28.14
C SER C 62 27.66 5.78 27.93
N GLY C 63 27.19 5.81 26.68
CA GLY C 63 25.96 5.10 26.29
C GLY C 63 26.06 3.61 26.57
N ALA C 64 27.17 3.01 26.16
CA ALA C 64 27.40 1.57 26.37
C ALA C 64 27.43 1.22 27.85
N GLU C 65 28.06 2.08 28.64
CA GLU C 65 28.06 1.89 30.08
C GLU C 65 26.64 2.00 30.65
N LYS C 66 25.91 3.04 30.25
CA LYS C 66 24.53 3.24 30.75
C LYS C 66 23.64 2.01 30.47
N ILE C 67 23.82 1.43 29.29
CA ILE C 67 23.10 0.22 28.91
C ILE C 67 23.41 -0.92 29.90
N ALA C 68 24.69 -1.11 30.23
CA ALA C 68 25.08 -2.22 31.11
C ALA C 68 24.46 -2.04 32.47
N GLU C 69 24.43 -0.80 32.93
CA GLU C 69 23.88 -0.45 34.23
C GLU C 69 22.39 -0.76 34.26
N THR C 70 21.68 -0.36 33.20
CA THR C 70 20.25 -0.65 33.07
C THR C 70 19.98 -2.16 33.05
N LEU C 71 20.75 -2.92 32.28
CA LEU C 71 20.54 -4.36 32.22
C LEU C 71 20.74 -5.02 33.59
N LYS C 72 21.77 -4.62 34.33
CA LYS C 72 22.02 -5.20 35.65
C LYS C 72 20.92 -4.84 36.65
N ALA C 73 20.59 -3.56 36.71
CA ALA C 73 19.48 -3.07 37.52
C ALA C 73 18.18 -3.84 37.29
N ASN C 74 18.00 -4.46 36.12
CA ASN C 74 16.79 -5.24 35.84
C ASN C 74 17.07 -6.73 35.74
N GLY C 75 18.23 -7.15 36.24
CA GLY C 75 18.58 -8.57 36.27
C GLY C 75 18.58 -9.24 34.90
N VAL C 76 19.03 -8.52 33.87
CA VAL C 76 19.13 -9.08 32.53
C VAL C 76 20.60 -9.35 32.25
N GLU C 77 20.92 -10.59 31.88
CA GLU C 77 22.27 -10.93 31.49
C GLU C 77 22.56 -10.35 30.10
N GLY C 78 23.78 -9.84 29.92
CA GLY C 78 24.18 -9.28 28.65
C GLY C 78 25.30 -8.28 28.77
N ALA C 79 25.23 -7.21 27.96
CA ALA C 79 26.31 -6.24 27.86
C ALA C 79 25.91 -5.01 27.04
N GLY C 80 26.63 -3.92 27.30
CA GLY C 80 26.56 -2.72 26.48
C GLY C 80 27.81 -2.61 25.65
N LEU C 81 27.67 -2.44 24.33
CA LEU C 81 28.84 -2.29 23.45
C LEU C 81 28.72 -1.03 22.69
N VAL C 82 29.84 -0.60 22.13
CA VAL C 82 29.87 0.55 21.27
C VAL C 82 29.83 0.02 19.85
N LEU C 83 28.87 0.52 19.06
CA LEU C 83 28.70 0.07 17.67
C LEU C 83 28.27 1.21 16.80
N ASP C 84 28.91 1.33 15.65
CA ASP C 84 28.57 2.35 14.66
C ASP C 84 28.08 1.63 13.39
N VAL C 85 26.76 1.64 13.18
CA VAL C 85 26.16 0.85 12.11
C VAL C 85 26.51 1.40 10.73
N SER C 86 27.05 2.62 10.67
CA SER C 86 27.45 3.22 9.41
C SER C 86 28.79 2.74 8.94
N SER C 87 29.50 2.02 9.80
CA SER C 87 30.92 1.64 9.55
C SER C 87 31.08 0.13 9.37
N ASP C 88 31.61 -0.28 8.21
CA ASP C 88 31.91 -1.70 7.98
C ASP C 88 32.88 -2.29 9.03
N GLU C 89 33.87 -1.50 9.42
CA GLU C 89 34.87 -1.89 10.40
C GLU C 89 34.23 -2.10 11.77
N SER C 90 33.47 -1.12 12.22
CA SER C 90 32.79 -1.23 13.52
C SER C 90 31.89 -2.46 13.60
N VAL C 91 31.10 -2.69 12.54
CA VAL C 91 30.18 -3.81 12.46
C VAL C 91 30.94 -5.15 12.52
N ALA C 92 31.95 -5.31 11.65
CA ALA C 92 32.78 -6.52 11.67
C ALA C 92 33.41 -6.77 13.03
N ALA C 93 34.04 -5.75 13.59
CA ALA C 93 34.71 -5.87 14.87
C ALA C 93 33.76 -6.23 15.99
N THR C 94 32.63 -5.54 16.05
CA THR C 94 31.68 -5.76 17.13
C THR C 94 31.14 -7.17 17.05
N LEU C 95 30.78 -7.62 15.85
CA LEU C 95 30.21 -8.95 15.71
C LEU C 95 31.19 -10.05 16.11
N GLU C 96 32.44 -9.93 15.70
CA GLU C 96 33.50 -10.83 16.16
C GLU C 96 33.59 -10.88 17.67
N HIS C 97 33.61 -9.72 18.30
CA HIS C 97 33.66 -9.63 19.73
C HIS C 97 32.50 -10.37 20.38
N ILE C 98 31.30 -10.18 19.84
CA ILE C 98 30.15 -10.87 20.34
C ILE C 98 30.30 -12.38 20.17
N GLN C 99 30.79 -12.83 19.02
CA GLN C 99 31.00 -14.26 18.77
C GLN C 99 31.98 -14.93 19.76
N GLN C 100 33.09 -14.25 20.04
CA GLN C 100 34.11 -14.80 20.95
C GLN C 100 33.59 -14.94 22.37
N HIS C 101 32.88 -13.93 22.86
CA HIS C 101 32.59 -13.83 24.29
C HIS C 101 31.17 -14.30 24.70
N LEU C 102 30.16 -14.08 23.86
CA LEU C 102 28.76 -14.39 24.21
C LEU C 102 28.05 -15.39 23.29
N GLY C 103 28.44 -15.45 22.03
CA GLY C 103 27.83 -16.37 21.07
C GLY C 103 27.21 -15.62 19.91
N GLN C 104 26.53 -16.36 19.03
CA GLN C 104 26.02 -15.83 17.78
C GLN C 104 24.67 -15.15 18.03
N PRO C 105 24.52 -13.86 17.67
CA PRO C 105 23.20 -13.24 17.85
C PRO C 105 22.21 -13.68 16.79
N LEU C 106 21.14 -14.34 17.22
CA LEU C 106 20.15 -14.86 16.31
C LEU C 106 18.90 -14.01 16.31
N ILE C 107 18.82 -13.04 17.24
CA ILE C 107 17.78 -12.04 17.24
C ILE C 107 18.46 -10.69 17.15
N VAL C 108 18.09 -9.91 16.14
CA VAL C 108 18.72 -8.65 15.89
C VAL C 108 17.65 -7.63 15.61
N VAL C 109 17.70 -6.56 16.36
CA VAL C 109 16.75 -5.50 16.27
C VAL C 109 17.52 -4.21 15.91
N ASN C 110 17.26 -3.69 14.73
CA ASN C 110 17.85 -2.46 14.27
C ASN C 110 16.99 -1.29 14.66
N ASN C 111 17.45 -0.51 15.62
CA ASN C 111 16.75 0.65 16.05
C ASN C 111 17.60 1.92 15.90
N ALA C 112 18.91 1.77 15.84
CA ALA C 112 19.82 2.87 15.47
C ALA C 112 19.60 3.23 13.99
N ASP C 126 17.54 18.40 1.00
CA ASP C 126 18.20 17.16 0.62
C ASP C 126 18.21 16.12 1.72
N GLU C 127 17.52 16.38 2.82
CA GLU C 127 17.66 15.55 3.98
C GLU C 127 16.80 14.35 3.71
N TRP C 128 15.66 14.59 3.03
CA TRP C 128 14.67 13.54 2.78
C TRP C 128 15.31 12.31 2.17
N PHE C 129 16.18 12.50 1.17
CA PHE C 129 16.90 11.40 0.53
C PHE C 129 18.03 10.78 1.34
N ASP C 130 18.95 11.58 1.84
CA ASP C 130 20.14 11.04 2.53
C ASP C 130 19.79 10.27 3.78
N VAL C 131 18.80 10.75 4.54
CA VAL C 131 18.38 10.03 5.74
C VAL C 131 17.95 8.60 5.41
N VAL C 132 17.05 8.44 4.45
CA VAL C 132 16.50 7.13 4.13
C VAL C 132 17.55 6.27 3.50
N ASN C 133 18.29 6.85 2.58
CA ASN C 133 19.34 6.14 1.91
C ASN C 133 20.40 5.62 2.86
N THR C 134 20.80 6.47 3.81
CA THR C 134 21.81 6.11 4.79
C THR C 134 21.29 4.99 5.67
N ASN C 135 20.07 5.15 6.18
CA ASN C 135 19.54 4.14 7.08
C ASN C 135 19.48 2.77 6.45
N LEU C 136 19.00 2.70 5.21
CA LEU C 136 18.83 1.42 4.55
C LEU C 136 20.17 0.75 4.28
N ASN C 137 21.19 1.53 3.98
CA ASN C 137 22.54 0.98 3.87
C ASN C 137 23.05 0.43 5.20
N SER C 138 22.72 1.10 6.29
CA SER C 138 23.03 0.60 7.63
C SER C 138 22.28 -0.70 7.92
N LEU C 139 20.97 -0.73 7.68
CA LEU C 139 20.20 -1.95 7.83
C LEU C 139 20.84 -3.05 7.03
N TYR C 140 21.20 -2.76 5.80
CA TYR C 140 21.69 -3.80 4.92
C TYR C 140 23.03 -4.32 5.41
N ARG C 141 23.93 -3.39 5.74
CA ARG C 141 25.26 -3.71 6.28
C ARG C 141 25.16 -4.69 7.46
N LEU C 142 24.38 -4.32 8.47
CA LEU C 142 24.28 -5.07 9.69
C LEU C 142 23.58 -6.39 9.47
N SER C 143 22.49 -6.35 8.71
CA SER C 143 21.72 -7.55 8.41
C SER C 143 22.56 -8.60 7.72
N LYS C 144 23.31 -8.18 6.71
CA LYS C 144 24.19 -9.08 5.99
C LYS C 144 25.26 -9.72 6.89
N ALA C 145 25.83 -8.94 7.80
CA ALA C 145 26.83 -9.43 8.69
C ALA C 145 26.29 -10.52 9.61
N VAL C 146 25.07 -10.36 10.14
CA VAL C 146 24.52 -11.33 11.11
C VAL C 146 23.92 -12.58 10.45
N LEU C 147 23.76 -12.54 9.12
CA LEU C 147 23.08 -13.64 8.41
C LEU C 147 23.87 -14.94 8.39
N ARG C 148 25.19 -14.87 8.44
CA ARG C 148 25.98 -16.12 8.44
C ARG C 148 25.66 -16.95 9.66
N GLY C 149 25.69 -16.33 10.83
CA GLY C 149 25.36 -17.05 12.05
C GLY C 149 23.93 -17.59 12.09
N MET C 150 23.00 -16.85 11.48
CA MET C 150 21.60 -17.26 11.49
C MET C 150 21.42 -18.42 10.53
N THR C 151 22.08 -18.31 9.38
CA THR C 151 22.12 -19.36 8.38
C THR C 151 22.69 -20.66 8.97
N LYS C 152 23.77 -20.56 9.74
CA LYS C 152 24.34 -21.75 10.39
C LYS C 152 23.38 -22.42 11.35
N ALA C 153 22.68 -21.60 12.13
CA ALA C 153 21.71 -22.10 13.11
C ALA C 153 20.37 -22.48 12.49
N ARG C 154 20.15 -22.15 11.22
CA ARG C 154 18.88 -22.36 10.53
C ARG C 154 17.75 -21.77 11.33
N TRP C 155 17.98 -20.58 11.85
CA TRP C 155 16.97 -19.87 12.64
C TRP C 155 17.39 -18.42 12.84
N GLY C 156 16.44 -17.51 12.72
CA GLY C 156 16.74 -16.10 13.00
C GLY C 156 15.55 -15.17 12.99
N ARG C 157 15.75 -14.02 13.60
CA ARG C 157 14.77 -12.94 13.71
C ARG C 157 15.47 -11.62 13.51
N ILE C 158 15.09 -10.90 12.47
CA ILE C 158 15.59 -9.58 12.23
C ILE C 158 14.38 -8.66 12.26
N ILE C 159 14.46 -7.63 13.08
CA ILE C 159 13.33 -6.73 13.28
C ILE C 159 13.84 -5.31 13.16
N ASN C 160 13.21 -4.55 12.25
CA ASN C 160 13.64 -3.19 11.95
C ASN C 160 12.68 -2.19 12.50
N ILE C 161 13.15 -1.26 13.30
CA ILE C 161 12.26 -0.31 13.94
C ILE C 161 12.28 0.93 13.12
N GLY C 162 11.11 1.42 12.70
CA GLY C 162 11.04 2.64 11.93
C GLY C 162 11.26 3.86 12.80
N SER C 163 11.40 5.00 12.16
CA SER C 163 11.47 6.26 12.89
C SER C 163 10.10 6.68 13.48
N VAL C 164 10.15 7.20 14.71
CA VAL C 164 9.00 7.77 15.37
C VAL C 164 8.59 9.04 14.63
N VAL C 165 7.30 9.32 14.57
CA VAL C 165 6.89 10.52 13.87
C VAL C 165 7.52 11.74 14.52
N GLY C 166 8.19 12.55 13.70
CA GLY C 166 8.87 13.75 14.17
C GLY C 166 10.00 14.17 13.24
N ASN C 170 4.81 18.85 6.91
CA ASN C 170 5.57 19.33 5.75
C ASN C 170 6.98 18.72 5.69
N ALA C 171 7.80 19.05 6.69
CA ALA C 171 9.09 18.40 6.85
C ALA C 171 8.87 17.00 7.43
N GLY C 172 8.14 16.94 8.55
CA GLY C 172 8.04 15.74 9.38
C GLY C 172 7.05 14.68 8.94
N GLN C 173 6.26 14.96 7.91
CA GLN C 173 5.40 13.97 7.26
C GLN C 173 6.03 13.33 6.01
N THR C 174 6.69 14.17 5.21
CA THR C 174 7.38 13.72 4.00
C THR C 174 8.51 12.75 4.38
N ASN C 175 9.34 13.19 5.31
CA ASN C 175 10.44 12.35 5.77
C ASN C 175 9.88 11.06 6.34
N TYR C 176 8.81 11.18 7.12
CA TYR C 176 8.17 10.03 7.75
C TYR C 176 7.62 9.02 6.73
N ALA C 177 6.94 9.48 5.70
CA ALA C 177 6.31 8.55 4.74
C ALA C 177 7.36 7.92 3.82
N ALA C 178 8.39 8.71 3.53
CA ALA C 178 9.51 8.23 2.73
C ALA C 178 10.25 7.12 3.48
N ALA C 179 10.63 7.40 4.72
CA ALA C 179 11.38 6.43 5.50
C ALA C 179 10.55 5.15 5.62
N LYS C 180 9.23 5.26 5.76
CA LYS C 180 8.38 4.11 5.95
C LYS C 180 8.23 3.32 4.67
N ALA C 181 8.12 4.00 3.54
CA ALA C 181 8.03 3.31 2.26
C ALA C 181 9.30 2.48 1.96
N GLY C 182 10.46 3.06 2.22
CA GLY C 182 11.73 2.36 2.11
C GLY C 182 11.87 1.19 3.07
N LEU C 183 11.52 1.40 4.32
CA LEU C 183 11.61 0.34 5.32
C LEU C 183 10.72 -0.85 4.95
N GLU C 184 9.52 -0.57 4.48
CA GLU C 184 8.56 -1.62 4.11
C GLU C 184 9.10 -2.42 2.93
N GLY C 185 9.62 -1.73 1.93
CA GLY C 185 10.05 -2.39 0.70
C GLY C 185 11.32 -3.16 0.96
N PHE C 186 12.24 -2.54 1.72
CA PHE C 186 13.45 -3.20 2.16
C PHE C 186 13.17 -4.49 2.92
N THR C 187 12.29 -4.37 3.90
CA THR C 187 11.99 -5.47 4.82
C THR C 187 11.40 -6.62 4.06
N ARG C 188 10.53 -6.29 3.14
CA ARG C 188 9.87 -7.29 2.35
C ARG C 188 10.87 -8.00 1.44
N ALA C 189 11.80 -7.25 0.84
CA ALA C 189 12.76 -7.89 -0.07
C ALA C 189 13.71 -8.79 0.70
N LEU C 190 14.20 -8.31 1.84
CA LEU C 190 15.16 -9.08 2.58
C LEU C 190 14.50 -10.36 3.09
N ALA C 191 13.23 -10.25 3.49
CA ALA C 191 12.49 -11.41 3.95
C ALA C 191 12.42 -12.47 2.89
N ARG C 192 12.21 -12.06 1.64
CA ARG C 192 12.17 -13.01 0.52
C ARG C 192 13.51 -13.67 0.28
N GLU C 193 14.59 -12.90 0.43
CA GLU C 193 15.92 -13.40 0.17
C GLU C 193 16.32 -14.47 1.19
N VAL C 194 15.96 -14.28 2.46
CA VAL C 194 16.50 -15.14 3.53
C VAL C 194 15.52 -16.17 4.10
N GLY C 195 14.29 -16.16 3.65
CA GLY C 195 13.25 -17.03 4.18
C GLY C 195 13.54 -18.52 4.14
N SER C 196 14.11 -19.00 3.04
CA SER C 196 14.41 -20.43 2.91
C SER C 196 15.23 -20.98 4.07
N ARG C 197 15.95 -20.10 4.74
CA ARG C 197 16.74 -20.46 5.93
C ARG C 197 16.03 -20.35 7.27
N ALA C 198 14.73 -20.11 7.25
CA ALA C 198 13.89 -19.99 8.46
C ALA C 198 14.37 -18.82 9.32
N ILE C 199 14.69 -17.74 8.62
CA ILE C 199 14.95 -16.46 9.24
C ILE C 199 13.84 -15.52 8.84
N THR C 200 13.17 -14.89 9.79
CA THR C 200 12.11 -13.93 9.45
C THR C 200 12.64 -12.52 9.58
N VAL C 201 12.07 -11.64 8.79
CA VAL C 201 12.47 -10.26 8.73
C VAL C 201 11.24 -9.39 8.69
N ASN C 202 11.07 -8.61 9.74
CA ASN C 202 9.88 -7.78 9.90
C ASN C 202 10.24 -6.41 10.36
N ALA C 203 9.26 -5.52 10.29
CA ALA C 203 9.45 -4.15 10.76
C ALA C 203 8.33 -3.69 11.63
N VAL C 204 8.64 -2.72 12.49
CA VAL C 204 7.63 -2.10 13.35
C VAL C 204 7.69 -0.62 13.11
N ALA C 205 6.54 -0.05 12.76
CA ALA C 205 6.43 1.34 12.37
C ALA C 205 5.69 2.12 13.45
N PRO C 206 6.43 2.75 14.35
CA PRO C 206 5.79 3.54 15.41
C PRO C 206 5.09 4.78 14.89
N GLY C 207 4.00 5.14 15.57
CA GLY C 207 3.36 6.42 15.37
C GLY C 207 3.96 7.38 16.38
N PHE C 208 3.10 8.09 17.10
CA PHE C 208 3.55 9.08 18.07
C PHE C 208 3.77 8.48 19.42
N ILE C 209 5.03 8.29 19.77
CA ILE C 209 5.38 7.61 21.00
C ILE C 209 5.82 8.59 22.05
N ASP C 210 5.50 8.29 23.30
CA ASP C 210 5.75 9.14 24.45
C ASP C 210 7.20 9.04 24.86
N THR C 211 7.92 10.12 24.62
CA THR C 211 9.28 10.21 25.06
C THR C 211 9.46 11.63 25.60
N ASP C 212 10.72 11.96 25.86
CA ASP C 212 11.09 13.25 26.44
C ASP C 212 10.55 14.41 25.62
N MET C 213 10.65 14.27 24.30
CA MET C 213 10.39 15.37 23.35
C MET C 213 8.88 15.70 23.18
N THR C 214 7.98 14.70 23.25
CA THR C 214 6.54 14.95 23.07
C THR C 214 5.82 15.36 24.35
N ARG C 215 6.40 15.01 25.51
CA ARG C 215 5.80 15.48 26.76
C ARG C 215 5.91 16.99 26.94
N GLU C 216 6.97 17.57 26.38
CA GLU C 216 7.28 18.99 26.60
C GLU C 216 6.67 19.88 25.50
N LEU C 217 5.59 19.43 24.87
CA LEU C 217 4.91 20.26 23.87
C LEU C 217 3.88 21.19 24.53
N PRO C 218 3.65 22.38 23.94
CA PRO C 218 2.57 23.24 24.41
C PRO C 218 1.21 22.55 24.34
N GLU C 219 0.37 22.74 25.34
CA GLU C 219 -0.92 22.03 25.42
C GLU C 219 -1.79 22.13 24.16
N ALA C 220 -1.76 23.25 23.45
CA ALA C 220 -2.64 23.40 22.29
C ALA C 220 -2.20 22.46 21.18
N GLN C 221 -0.90 22.45 20.90
CA GLN C 221 -0.34 21.57 19.86
C GLN C 221 -0.41 20.09 20.23
N ARG C 222 -0.20 19.79 21.52
CA ARG C 222 -0.34 18.43 22.01
C ARG C 222 -1.78 17.93 21.82
N GLU C 223 -2.77 18.72 22.20
CA GLU C 223 -4.18 18.33 22.06
C GLU C 223 -4.61 18.19 20.59
N ALA C 224 -4.06 19.03 19.73
CA ALA C 224 -4.30 18.91 18.30
C ALA C 224 -3.72 17.60 17.76
N LEU C 225 -2.61 17.16 18.33
CA LEU C 225 -1.97 15.90 17.95
C LEU C 225 -2.78 14.70 18.40
N LEU C 226 -3.20 14.72 19.66
CA LEU C 226 -4.04 13.66 20.22
C LEU C 226 -5.40 13.54 19.50
N GLY C 227 -5.86 14.61 18.88
CA GLY C 227 -7.08 14.57 18.08
C GLY C 227 -6.95 13.83 16.76
N GLN C 228 -5.73 13.67 16.28
CA GLN C 228 -5.46 12.88 15.06
C GLN C 228 -5.24 11.39 15.34
N ILE C 229 -5.17 11.02 16.61
CA ILE C 229 -4.92 9.65 17.01
C ILE C 229 -6.20 9.13 17.64
N PRO C 230 -6.90 8.20 16.98
CA PRO C 230 -8.14 7.62 17.49
C PRO C 230 -8.07 7.15 18.94
N LEU C 231 -6.98 6.51 19.35
CA LEU C 231 -6.86 6.11 20.76
C LEU C 231 -6.76 7.31 21.72
N GLY C 232 -6.52 8.49 21.18
CA GLY C 232 -6.52 9.71 21.99
C GLY C 232 -5.41 9.79 23.01
N ARG C 233 -4.30 9.10 22.74
CA ARG C 233 -3.15 9.15 23.61
C ARG C 233 -1.88 8.79 22.83
N LEU C 234 -0.74 9.07 23.43
CA LEU C 234 0.56 8.71 22.88
C LEU C 234 0.86 7.30 23.30
N GLY C 235 1.58 6.59 22.45
CA GLY C 235 1.96 5.23 22.79
C GLY C 235 3.11 5.29 23.80
N GLN C 236 3.27 4.24 24.56
CA GLN C 236 4.45 4.11 25.40
C GLN C 236 5.53 3.32 24.66
N ALA C 237 6.79 3.58 25.00
CA ALA C 237 7.90 2.82 24.44
C ALA C 237 7.72 1.30 24.66
N GLU C 238 7.17 0.92 25.81
CA GLU C 238 6.90 -0.47 26.17
C GLU C 238 5.97 -1.13 25.17
N GLU C 239 5.05 -0.35 24.61
CA GLU C 239 4.08 -0.88 23.68
C GLU C 239 4.71 -1.22 22.36
N ILE C 240 5.77 -0.50 21.98
CA ILE C 240 6.56 -0.92 20.82
C ILE C 240 7.33 -2.16 21.20
N ALA C 241 7.94 -2.16 22.38
CA ALA C 241 8.74 -3.29 22.83
C ALA C 241 7.95 -4.59 22.89
N LYS C 242 6.67 -4.53 23.25
CA LYS C 242 5.88 -5.74 23.31
C LYS C 242 5.70 -6.37 21.93
N VAL C 243 5.59 -5.54 20.91
CA VAL C 243 5.37 -6.02 19.56
C VAL C 243 6.63 -6.70 19.07
N VAL C 244 7.76 -6.04 19.30
CA VAL C 244 9.07 -6.58 18.95
C VAL C 244 9.30 -7.94 19.61
N GLY C 245 8.91 -8.06 20.87
CA GLY C 245 9.01 -9.30 21.62
C GLY C 245 8.20 -10.43 21.01
N PHE C 246 6.98 -10.13 20.58
CA PHE C 246 6.17 -11.15 19.97
C PHE C 246 6.80 -11.61 18.64
N LEU C 247 7.30 -10.66 17.85
CA LEU C 247 7.90 -10.99 16.57
C LEU C 247 9.15 -11.88 16.72
N ALA C 248 9.88 -11.68 17.82
CA ALA C 248 11.07 -12.47 18.13
C ALA C 248 10.74 -13.89 18.59
N SER C 249 9.48 -14.12 18.98
CA SER C 249 9.06 -15.41 19.54
C SER C 249 8.84 -16.48 18.49
N ASP C 250 8.65 -17.70 18.95
CA ASP C 250 8.39 -18.84 18.06
C ASP C 250 7.03 -18.75 17.44
N GLY C 251 6.11 -18.11 18.12
CA GLY C 251 4.74 -17.97 17.63
C GLY C 251 4.57 -17.04 16.43
N ALA C 252 5.54 -16.16 16.20
CA ALA C 252 5.52 -15.30 15.03
C ALA C 252 6.38 -15.87 13.88
N ALA C 253 6.59 -17.19 13.89
CA ALA C 253 7.45 -17.84 12.89
C ALA C 253 6.90 -17.82 11.46
N TYR C 254 5.59 -17.61 11.29
CA TYR C 254 5.04 -17.49 9.91
C TYR C 254 4.80 -16.05 9.51
N VAL C 255 5.20 -15.12 10.36
CA VAL C 255 5.14 -13.71 10.04
C VAL C 255 6.50 -13.32 9.49
N THR C 256 6.55 -12.94 8.22
CA THR C 256 7.76 -12.42 7.68
C THR C 256 7.45 -11.51 6.52
N GLY C 257 8.31 -10.50 6.35
CA GLY C 257 8.10 -9.44 5.37
C GLY C 257 7.08 -8.39 5.79
N ALA C 258 6.62 -8.46 7.03
CA ALA C 258 5.55 -7.58 7.48
C ALA C 258 6.11 -6.35 8.11
N THR C 259 5.37 -5.27 7.96
CA THR C 259 5.57 -4.08 8.75
C THR C 259 4.34 -3.86 9.59
N VAL C 260 4.49 -3.97 10.91
CA VAL C 260 3.38 -3.84 11.84
C VAL C 260 3.34 -2.38 12.32
N PRO C 261 2.26 -1.64 12.00
CA PRO C 261 2.13 -0.26 12.50
C PRO C 261 1.64 -0.29 13.93
N VAL C 262 2.29 0.53 14.77
CA VAL C 262 1.96 0.64 16.17
C VAL C 262 1.76 2.12 16.44
N ASN C 263 0.60 2.62 16.05
CA ASN C 263 0.35 4.07 15.99
C ASN C 263 -1.01 4.51 16.51
N GLY C 264 -1.65 3.67 17.31
CA GLY C 264 -2.96 4.00 17.87
C GLY C 264 -4.00 4.45 16.88
N GLY C 265 -3.84 4.03 15.62
CA GLY C 265 -4.86 4.24 14.61
C GLY C 265 -4.60 5.43 13.73
N MET C 266 -3.46 6.08 13.89
CA MET C 266 -3.14 7.28 13.13
C MET C 266 -2.19 6.88 11.99
N TYR C 267 -2.73 6.87 10.78
CA TYR C 267 -1.99 6.43 9.57
C TYR C 267 -1.70 7.58 8.60
N MET C 268 -0.44 7.99 8.52
CA MET C 268 -0.07 9.03 7.57
C MET C 268 0.57 8.46 6.33
N SER C 269 -0.06 8.64 5.17
CA SER C 269 0.54 8.23 3.89
C SER C 269 1.25 9.41 3.23
N TYR D 19 0.56 30.10 -28.02
CA TYR D 19 0.75 28.63 -28.24
C TYR D 19 0.23 27.94 -26.98
N PHE D 20 -1.07 28.16 -26.77
CA PHE D 20 -1.76 27.89 -25.54
C PHE D 20 -2.78 26.76 -25.77
N GLN D 21 -2.27 25.52 -25.75
CA GLN D 21 -2.99 24.30 -26.17
C GLN D 21 -2.62 23.07 -25.29
N SER D 22 -3.57 22.14 -25.12
CA SER D 22 -3.65 21.31 -23.91
C SER D 22 -2.74 20.07 -23.74
N MET D 23 -2.44 19.36 -24.84
CA MET D 23 -1.67 18.12 -24.84
C MET D 23 -0.30 18.41 -25.47
N SER D 24 -0.03 19.69 -25.73
CA SER D 24 1.03 20.07 -26.65
C SER D 24 2.21 20.51 -25.83
N LEU D 25 3.39 20.13 -26.31
CA LEU D 25 4.65 20.48 -25.65
C LEU D 25 5.51 21.41 -26.51
N GLN D 26 4.90 22.08 -27.47
CA GLN D 26 5.55 23.05 -28.32
C GLN D 26 6.32 24.02 -27.43
N GLY D 27 7.59 24.22 -27.75
CA GLY D 27 8.42 25.17 -26.99
C GLY D 27 9.10 24.61 -25.75
N LYS D 28 8.95 23.30 -25.51
CA LYS D 28 9.55 22.68 -24.35
C LYS D 28 10.63 21.68 -24.74
N VAL D 29 11.65 21.64 -23.90
CA VAL D 29 12.79 20.83 -24.12
C VAL D 29 12.68 19.69 -23.15
N ALA D 30 12.68 18.47 -23.70
CA ALA D 30 12.59 17.28 -22.89
C ALA D 30 13.90 16.54 -22.97
N LEU D 31 14.32 16.01 -21.82
CA LEU D 31 15.44 15.13 -21.71
C LEU D 31 14.96 13.72 -21.39
N VAL D 32 15.38 12.75 -22.16
CA VAL D 32 14.94 11.39 -21.96
C VAL D 32 16.17 10.51 -21.89
N THR D 33 16.49 10.00 -20.70
CA THR D 33 17.67 9.16 -20.51
C THR D 33 17.32 7.74 -20.92
N GLY D 34 18.31 7.02 -21.43
CA GLY D 34 18.08 5.66 -21.90
C GLY D 34 17.13 5.62 -23.10
N ALA D 35 17.32 6.51 -24.06
CA ALA D 35 16.43 6.64 -25.18
C ALA D 35 16.77 5.86 -26.46
N SER D 36 17.74 4.96 -26.41
CA SER D 36 18.24 4.33 -27.64
C SER D 36 17.45 3.10 -28.10
N ARG D 37 16.74 2.45 -27.18
CA ARG D 37 15.90 1.34 -27.57
C ARG D 37 14.64 1.28 -26.74
N GLY D 38 13.77 0.34 -27.08
CA GLY D 38 12.58 0.02 -26.32
C GLY D 38 11.75 1.20 -25.83
N ILE D 39 11.47 1.18 -24.54
CA ILE D 39 10.61 2.15 -23.91
C ILE D 39 11.17 3.57 -24.01
N GLY D 40 12.45 3.72 -23.76
CA GLY D 40 13.09 5.03 -23.86
C GLY D 40 12.93 5.62 -25.24
N GLN D 41 13.09 4.79 -26.26
CA GLN D 41 12.94 5.26 -27.63
C GLN D 41 11.50 5.71 -27.86
N ALA D 42 10.55 4.85 -27.49
CA ALA D 42 9.15 5.15 -27.66
C ALA D 42 8.77 6.44 -26.96
N ILE D 43 9.31 6.64 -25.75
CA ILE D 43 9.06 7.91 -25.03
C ILE D 43 9.61 9.11 -25.81
N ALA D 44 10.84 9.00 -26.31
CA ALA D 44 11.45 10.09 -27.10
C ALA D 44 10.61 10.49 -28.31
N LEU D 45 10.09 9.51 -29.05
CA LEU D 45 9.26 9.77 -30.23
C LEU D 45 7.90 10.33 -29.85
N GLU D 46 7.33 9.87 -28.75
CA GLU D 46 6.05 10.36 -28.34
C GLU D 46 6.11 11.82 -27.90
N LEU D 47 7.12 12.17 -27.11
CA LEU D 47 7.28 13.59 -26.71
C LEU D 47 7.63 14.44 -27.94
N GLY D 48 8.38 13.87 -28.87
CA GLY D 48 8.66 14.54 -30.13
C GLY D 48 7.37 14.78 -30.90
N ARG D 49 6.55 13.76 -31.00
CA ARG D 49 5.28 13.88 -31.68
C ARG D 49 4.43 14.99 -31.08
N LEU D 50 4.50 15.17 -29.77
CA LEU D 50 3.70 16.19 -29.09
C LEU D 50 4.33 17.60 -29.17
N GLY D 51 5.42 17.72 -29.92
CA GLY D 51 5.99 19.04 -30.19
C GLY D 51 7.21 19.45 -29.38
N ALA D 52 7.67 18.61 -28.49
CA ALA D 52 8.83 18.92 -27.68
C ALA D 52 10.08 18.78 -28.50
N VAL D 53 11.09 19.54 -28.11
CA VAL D 53 12.43 19.33 -28.59
C VAL D 53 13.05 18.27 -27.67
N VAL D 54 13.53 17.17 -28.26
CA VAL D 54 13.88 16.00 -27.49
C VAL D 54 15.38 15.72 -27.49
N ILE D 55 15.94 15.62 -26.30
CA ILE D 55 17.31 15.21 -26.13
C ILE D 55 17.29 13.82 -25.54
N GLY D 56 17.72 12.84 -26.31
CA GLY D 56 17.77 11.47 -25.83
C GLY D 56 19.20 11.15 -25.46
N THR D 57 19.40 10.39 -24.39
CA THR D 57 20.74 9.99 -24.00
C THR D 57 20.94 8.49 -23.95
N ALA D 58 22.21 8.13 -24.09
CA ALA D 58 22.68 6.78 -23.92
C ALA D 58 24.05 6.87 -23.27
N THR D 59 24.55 5.74 -22.76
CA THR D 59 25.88 5.69 -22.14
C THR D 59 27.04 5.49 -23.13
N SER D 60 26.73 5.20 -24.38
CA SER D 60 27.77 5.15 -25.41
C SER D 60 27.53 6.15 -26.56
N ALA D 61 28.58 6.38 -27.34
CA ALA D 61 28.53 7.22 -28.54
C ALA D 61 27.72 6.60 -29.66
N SER D 62 27.76 5.28 -29.78
CA SER D 62 26.97 4.58 -30.80
C SER D 62 25.48 4.69 -30.50
N GLY D 63 25.12 4.53 -29.22
CA GLY D 63 23.78 4.77 -28.73
C GLY D 63 23.33 6.20 -29.00
N ALA D 64 24.17 7.18 -28.68
CA ALA D 64 23.86 8.57 -28.94
C ALA D 64 23.66 8.87 -30.43
N GLU D 65 24.50 8.29 -31.27
CA GLU D 65 24.36 8.40 -32.73
C GLU D 65 23.03 7.80 -33.17
N LYS D 66 22.75 6.59 -32.71
CA LYS D 66 21.50 5.91 -33.08
C LYS D 66 20.25 6.73 -32.72
N ILE D 67 20.29 7.36 -31.57
CA ILE D 67 19.21 8.24 -31.14
C ILE D 67 18.99 9.42 -32.09
N ALA D 68 20.08 10.09 -32.48
CA ALA D 68 19.98 11.20 -33.42
C ALA D 68 19.37 10.75 -34.75
N GLU D 69 19.76 9.57 -35.23
CA GLU D 69 19.26 9.03 -36.50
C GLU D 69 17.78 8.84 -36.39
N THR D 70 17.37 8.22 -35.30
CA THR D 70 15.96 7.93 -35.06
C THR D 70 15.13 9.22 -35.03
N LEU D 71 15.61 10.22 -34.31
CA LEU D 71 14.88 11.49 -34.22
C LEU D 71 14.71 12.17 -35.58
N LYS D 72 15.77 12.20 -36.41
CA LYS D 72 15.66 12.81 -37.75
C LYS D 72 14.71 12.04 -38.64
N ALA D 73 14.88 10.72 -38.67
CA ALA D 73 13.97 9.82 -39.40
C ALA D 73 12.50 10.04 -39.08
N ASN D 74 12.20 10.56 -37.90
CA ASN D 74 10.81 10.81 -37.51
C ASN D 74 10.51 12.29 -37.39
N GLY D 75 11.38 13.12 -37.95
CA GLY D 75 11.15 14.56 -38.00
C GLY D 75 11.00 15.21 -36.64
N VAL D 76 11.77 14.73 -35.67
CA VAL D 76 11.77 15.32 -34.34
C VAL D 76 13.04 16.11 -34.17
N GLU D 77 12.89 17.38 -33.83
CA GLU D 77 14.03 18.22 -33.52
C GLU D 77 14.63 17.81 -32.18
N GLY D 78 15.95 17.81 -32.11
CA GLY D 78 16.63 17.46 -30.88
C GLY D 78 18.04 16.94 -31.11
N ALA D 79 18.43 15.95 -30.31
CA ALA D 79 19.81 15.45 -30.30
C ALA D 79 19.98 14.17 -29.47
N GLY D 80 21.03 13.41 -29.80
CA GLY D 80 21.48 12.30 -28.97
C GLY D 80 22.75 12.70 -28.23
N LEU D 81 22.78 12.53 -26.92
CA LEU D 81 23.99 12.83 -26.15
C LEU D 81 24.39 11.63 -25.34
N VAL D 82 25.64 11.64 -24.89
CA VAL D 82 26.18 10.57 -24.07
C VAL D 82 26.12 11.08 -22.65
N LEU D 83 25.48 10.31 -21.81
CA LEU D 83 25.25 10.72 -20.46
C LEU D 83 25.41 9.51 -19.61
N ASP D 84 26.16 9.67 -18.52
CA ASP D 84 26.32 8.63 -17.50
C ASP D 84 25.68 9.15 -16.20
N VAL D 85 24.49 8.64 -15.90
CA VAL D 85 23.72 9.13 -14.74
C VAL D 85 24.39 8.80 -13.42
N SER D 86 25.35 7.89 -13.43
CA SER D 86 26.07 7.52 -12.21
C SER D 86 27.18 8.52 -11.84
N SER D 87 27.47 9.46 -12.73
CA SER D 87 28.63 10.36 -12.62
C SER D 87 28.19 11.79 -12.45
N ASP D 88 28.60 12.43 -11.35
CA ASP D 88 28.33 13.87 -11.12
C ASP D 88 28.88 14.77 -12.23
N GLU D 89 30.08 14.44 -12.69
CA GLU D 89 30.72 15.17 -13.77
C GLU D 89 29.91 15.07 -15.06
N SER D 90 29.56 13.84 -15.45
CA SER D 90 28.82 13.61 -16.70
C SER D 90 27.50 14.36 -16.72
N VAL D 91 26.80 14.29 -15.60
CA VAL D 91 25.53 14.99 -15.42
C VAL D 91 25.73 16.50 -15.56
N ALA D 92 26.66 17.09 -14.79
CA ALA D 92 26.92 18.54 -14.86
C ALA D 92 27.29 18.97 -16.28
N ALA D 93 28.21 18.25 -16.90
CA ALA D 93 28.70 18.58 -18.24
C ALA D 93 27.59 18.51 -19.28
N THR D 94 26.81 17.44 -19.23
CA THR D 94 25.73 17.26 -20.17
C THR D 94 24.68 18.36 -20.03
N LEU D 95 24.32 18.68 -18.81
CA LEU D 95 23.35 19.75 -18.60
C LEU D 95 23.81 21.10 -19.15
N GLU D 96 25.04 21.48 -18.86
CA GLU D 96 25.64 22.68 -19.41
C GLU D 96 25.56 22.74 -20.95
N HIS D 97 25.93 21.64 -21.60
CA HIS D 97 25.86 21.53 -23.06
C HIS D 97 24.48 21.77 -23.55
N ILE D 98 23.51 21.19 -22.86
CA ILE D 98 22.13 21.40 -23.23
C ILE D 98 21.73 22.87 -23.04
N GLN D 99 22.13 23.49 -21.94
CA GLN D 99 21.81 24.89 -21.70
C GLN D 99 22.36 25.85 -22.76
N GLN D 100 23.60 25.63 -23.18
CA GLN D 100 24.24 26.50 -24.17
C GLN D 100 23.53 26.43 -25.53
N HIS D 101 23.21 25.21 -25.97
CA HIS D 101 22.85 25.01 -27.36
C HIS D 101 21.36 24.91 -27.61
N LEU D 102 20.59 24.36 -26.67
CA LEU D 102 19.16 24.10 -26.87
C LEU D 102 18.24 24.79 -25.89
N GLY D 103 18.70 25.02 -24.67
CA GLY D 103 17.87 25.62 -23.61
C GLY D 103 17.71 24.71 -22.39
N GLN D 104 16.89 25.16 -21.43
CA GLN D 104 16.71 24.47 -20.14
C GLN D 104 15.70 23.32 -20.26
N PRO D 105 16.09 22.08 -19.89
CA PRO D 105 15.09 21.02 -20.02
C PRO D 105 14.11 21.06 -18.87
N LEU D 106 12.86 21.29 -19.19
CA LEU D 106 11.83 21.37 -18.19
C LEU D 106 10.99 20.11 -18.11
N ILE D 107 11.17 19.19 -19.05
CA ILE D 107 10.59 17.83 -18.98
C ILE D 107 11.75 16.85 -18.96
N VAL D 108 11.81 16.04 -17.92
CA VAL D 108 12.88 15.12 -17.74
C VAL D 108 12.30 13.75 -17.41
N VAL D 109 12.67 12.76 -18.22
CA VAL D 109 12.18 11.41 -18.07
C VAL D 109 13.39 10.50 -17.80
N ASN D 110 13.43 9.94 -16.61
CA ASN D 110 14.50 9.05 -16.22
C ASN D 110 14.08 7.64 -16.57
N ASN D 111 14.76 7.07 -17.54
CA ASN D 111 14.53 5.71 -17.91
C ASN D 111 15.79 4.86 -17.84
N ALA D 112 16.95 5.49 -17.86
CA ALA D 112 18.24 4.78 -17.65
C ALA D 112 18.38 4.07 -16.29
N GLY D 113 18.77 2.79 -16.34
CA GLY D 113 18.90 1.93 -15.19
C GLY D 113 19.62 0.60 -15.49
N MET D 123 19.83 -14.24 -12.87
CA MET D 123 19.28 -13.32 -11.88
C MET D 123 18.83 -14.06 -10.64
N LYS D 124 19.14 -13.51 -9.47
CA LYS D 124 18.80 -14.16 -8.19
C LYS D 124 18.18 -13.17 -7.20
N ASP D 125 17.69 -13.69 -6.08
CA ASP D 125 16.94 -12.84 -5.11
C ASP D 125 17.84 -12.08 -4.12
N ASP D 126 19.15 -11.97 -4.41
CA ASP D 126 20.06 -11.21 -3.58
C ASP D 126 20.64 -10.01 -4.32
N GLU D 127 20.10 -9.65 -5.49
CA GLU D 127 20.65 -8.59 -6.36
C GLU D 127 19.90 -7.30 -6.17
N TRP D 128 18.73 -7.45 -5.57
CA TRP D 128 17.79 -6.36 -5.44
C TRP D 128 18.48 -5.16 -4.80
N PHE D 129 19.21 -5.35 -3.71
CA PHE D 129 19.64 -4.18 -2.95
C PHE D 129 20.49 -3.21 -3.75
N ASP D 130 21.56 -3.70 -4.35
CA ASP D 130 22.47 -2.81 -5.08
C ASP D 130 21.83 -2.16 -6.30
N VAL D 131 21.05 -2.94 -7.01
CA VAL D 131 20.35 -2.41 -8.18
C VAL D 131 19.48 -1.20 -7.80
N VAL D 132 18.64 -1.36 -6.78
CA VAL D 132 17.69 -0.32 -6.41
C VAL D 132 18.44 0.87 -5.82
N ASN D 133 19.41 0.58 -4.98
CA ASN D 133 20.19 1.60 -4.34
C ASN D 133 20.90 2.45 -5.36
N THR D 134 21.51 1.78 -6.34
CA THR D 134 22.22 2.50 -7.41
C THR D 134 21.28 3.37 -8.23
N ASN D 135 20.16 2.82 -8.65
CA ASN D 135 19.21 3.58 -9.46
C ASN D 135 18.71 4.81 -8.77
N LEU D 136 18.36 4.70 -7.49
CA LEU D 136 17.79 5.83 -6.77
C LEU D 136 18.81 6.95 -6.57
N ASN D 137 20.07 6.59 -6.37
CA ASN D 137 21.15 7.61 -6.33
C ASN D 137 21.31 8.34 -7.66
N SER D 138 21.14 7.61 -8.76
CA SER D 138 21.13 8.20 -10.08
C SER D 138 19.92 9.09 -10.31
N LEU D 139 18.72 8.63 -9.96
CA LEU D 139 17.53 9.50 -10.03
C LEU D 139 17.75 10.77 -9.26
N TYR D 140 18.34 10.65 -8.06
CA TYR D 140 18.47 11.82 -7.20
C TYR D 140 19.45 12.79 -7.81
N ARG D 141 20.61 12.26 -8.21
CA ARG D 141 21.65 13.06 -8.85
C ARG D 141 21.10 13.90 -10.01
N LEU D 142 20.45 13.22 -10.95
CA LEU D 142 19.93 13.88 -12.14
C LEU D 142 18.80 14.84 -11.84
N SER D 143 17.89 14.42 -10.98
CA SER D 143 16.76 15.24 -10.61
C SER D 143 17.21 16.56 -9.99
N LYS D 144 18.18 16.48 -9.07
CA LYS D 144 18.72 17.67 -8.43
C LYS D 144 19.33 18.65 -9.41
N ALA D 145 20.08 18.13 -10.35
CA ALA D 145 20.73 18.95 -11.32
C ALA D 145 19.71 19.72 -12.16
N VAL D 146 18.61 19.09 -12.56
CA VAL D 146 17.63 19.77 -13.44
C VAL D 146 16.66 20.67 -12.71
N LEU D 147 16.66 20.60 -11.39
CA LEU D 147 15.71 21.38 -10.61
C LEU D 147 15.96 22.87 -10.63
N ARG D 148 17.21 23.29 -10.78
CA ARG D 148 17.52 24.73 -10.78
C ARG D 148 16.82 25.40 -11.96
N GLY D 149 16.94 24.82 -13.15
CA GLY D 149 16.23 25.35 -14.31
C GLY D 149 14.71 25.31 -14.21
N MET D 150 14.17 24.28 -13.56
CA MET D 150 12.72 24.13 -13.41
C MET D 150 12.22 25.14 -12.40
N THR D 151 12.99 25.30 -11.32
CA THR D 151 12.75 26.33 -10.30
C THR D 151 12.76 27.73 -10.90
N LYS D 152 13.72 28.03 -11.76
CA LYS D 152 13.76 29.35 -12.43
C LYS D 152 12.55 29.60 -13.30
N ALA D 153 12.11 28.58 -14.04
CA ALA D 153 10.94 28.69 -14.93
C ALA D 153 9.61 28.56 -14.18
N ARG D 154 9.65 28.18 -12.91
CA ARG D 154 8.46 27.92 -12.09
C ARG D 154 7.53 26.93 -12.79
N TRP D 155 8.14 25.90 -13.37
CA TRP D 155 7.40 24.87 -14.08
C TRP D 155 8.30 23.68 -14.36
N GLY D 156 7.76 22.49 -14.20
CA GLY D 156 8.51 21.29 -14.55
C GLY D 156 7.75 20.00 -14.49
N ARG D 157 8.30 19.00 -15.17
CA ARG D 157 7.80 17.65 -15.20
C ARG D 157 8.97 16.71 -15.05
N ILE D 158 8.98 15.90 -13.98
CA ILE D 158 9.94 14.83 -13.82
C ILE D 158 9.18 13.52 -13.77
N ILE D 159 9.56 12.59 -14.62
CA ILE D 159 8.82 11.33 -14.76
C ILE D 159 9.82 10.19 -14.74
N ASN D 160 9.61 9.27 -13.80
CA ASN D 160 10.55 8.20 -13.56
C ASN D 160 9.98 6.91 -14.05
N ILE D 161 10.71 6.21 -14.89
CA ILE D 161 10.19 4.96 -15.44
C ILE D 161 10.75 3.79 -14.69
N GLY D 162 9.88 2.95 -14.15
CA GLY D 162 10.32 1.77 -13.41
C GLY D 162 10.84 0.67 -14.33
N SER D 163 11.47 -0.32 -13.73
CA SER D 163 12.02 -1.41 -14.51
C SER D 163 10.88 -2.33 -14.92
N VAL D 164 11.02 -2.84 -16.12
CA VAL D 164 10.09 -3.82 -16.66
C VAL D 164 10.28 -5.14 -15.90
N VAL D 165 9.22 -5.92 -15.77
CA VAL D 165 9.36 -7.20 -15.08
C VAL D 165 10.35 -8.04 -15.87
N GLY D 166 11.50 -8.38 -15.26
CA GLY D 166 12.72 -8.78 -16.01
C GLY D 166 13.35 -10.16 -15.85
N ALA D 167 12.60 -11.08 -15.23
CA ALA D 167 12.89 -12.52 -15.23
C ALA D 167 11.70 -13.21 -14.57
N MET D 168 11.24 -14.29 -15.20
CA MET D 168 10.13 -15.05 -14.65
C MET D 168 10.60 -15.78 -13.40
N GLY D 169 9.64 -16.23 -12.59
CA GLY D 169 9.98 -16.86 -11.32
C GLY D 169 10.13 -15.87 -10.17
N ASN D 170 10.78 -16.33 -9.11
CA ASN D 170 10.71 -15.69 -7.79
C ASN D 170 11.80 -14.65 -7.50
N ALA D 171 13.03 -14.93 -7.95
CA ALA D 171 14.11 -13.94 -7.91
C ALA D 171 13.68 -12.74 -8.74
N GLY D 172 13.06 -13.03 -9.89
CA GLY D 172 12.59 -12.00 -10.80
C GLY D 172 11.49 -11.11 -10.19
N GLN D 173 10.70 -11.69 -9.29
CA GLN D 173 9.60 -10.96 -8.62
C GLN D 173 10.13 -10.06 -7.51
N THR D 174 11.12 -10.57 -6.79
CA THR D 174 11.74 -9.86 -5.67
C THR D 174 12.39 -8.56 -6.15
N ASN D 175 13.25 -8.69 -7.14
CA ASN D 175 13.89 -7.52 -7.72
C ASN D 175 12.88 -6.53 -8.23
N TYR D 176 11.87 -7.06 -8.94
CA TYR D 176 10.83 -6.23 -9.49
C TYR D 176 10.05 -5.47 -8.42
N ALA D 177 9.66 -6.14 -7.32
CA ALA D 177 8.85 -5.48 -6.31
C ALA D 177 9.64 -4.47 -5.52
N ALA D 178 10.90 -4.82 -5.30
CA ALA D 178 11.82 -3.97 -4.56
C ALA D 178 12.05 -2.68 -5.32
N ALA D 179 12.37 -2.81 -6.60
CA ALA D 179 12.62 -1.64 -7.43
C ALA D 179 11.40 -0.75 -7.52
N LYS D 180 10.23 -1.35 -7.57
CA LYS D 180 8.99 -0.59 -7.59
C LYS D 180 8.70 0.10 -6.24
N ALA D 181 8.93 -0.59 -5.13
CA ALA D 181 8.70 0.04 -3.83
C ALA D 181 9.56 1.29 -3.65
N GLY D 182 10.81 1.19 -4.01
CA GLY D 182 11.75 2.33 -3.91
C GLY D 182 11.43 3.49 -4.83
N LEU D 183 11.14 3.17 -6.07
CA LEU D 183 10.68 4.18 -7.01
C LEU D 183 9.41 4.95 -6.52
N GLU D 184 8.45 4.23 -5.97
CA GLU D 184 7.21 4.85 -5.50
C GLU D 184 7.47 5.77 -4.32
N GLY D 185 8.31 5.32 -3.40
CA GLY D 185 8.59 6.10 -2.21
C GLY D 185 9.45 7.30 -2.54
N PHE D 186 10.48 7.08 -3.36
CA PHE D 186 11.33 8.18 -3.84
C PHE D 186 10.54 9.25 -4.58
N THR D 187 9.69 8.81 -5.50
CA THR D 187 8.87 9.71 -6.31
C THR D 187 7.94 10.57 -5.46
N ARG D 188 7.33 9.92 -4.49
CA ARG D 188 6.42 10.60 -3.63
C ARG D 188 7.17 11.65 -2.80
N ALA D 189 8.36 11.31 -2.30
CA ALA D 189 9.09 12.24 -1.40
C ALA D 189 9.61 13.44 -2.20
N LEU D 190 10.12 13.18 -3.39
CA LEU D 190 10.63 14.24 -4.20
C LEU D 190 9.50 15.18 -4.60
N ALA D 191 8.36 14.63 -4.97
CA ALA D 191 7.19 15.42 -5.36
C ALA D 191 6.82 16.37 -4.23
N ARG D 192 6.87 15.89 -2.99
CA ARG D 192 6.57 16.75 -1.86
C ARG D 192 7.58 17.87 -1.69
N GLU D 193 8.86 17.57 -1.94
CA GLU D 193 9.90 18.57 -1.78
C GLU D 193 9.73 19.71 -2.76
N VAL D 194 9.35 19.40 -4.00
CA VAL D 194 9.47 20.39 -5.07
C VAL D 194 8.15 20.98 -5.53
N GLY D 195 7.05 20.50 -4.99
CA GLY D 195 5.71 20.91 -5.42
C GLY D 195 5.41 22.40 -5.37
N SER D 196 5.87 23.06 -4.32
CA SER D 196 5.64 24.48 -4.16
C SER D 196 6.11 25.28 -5.36
N ARG D 197 7.06 24.73 -6.13
CA ARG D 197 7.56 25.37 -7.35
C ARG D 197 6.83 25.00 -8.64
N ALA D 198 5.71 24.30 -8.51
CA ALA D 198 4.88 23.87 -9.66
C ALA D 198 5.63 22.93 -10.58
N ILE D 199 6.41 22.06 -9.96
CA ILE D 199 7.09 21.00 -10.63
C ILE D 199 6.42 19.71 -10.16
N THR D 200 5.94 18.89 -11.09
CA THR D 200 5.34 17.62 -10.70
C THR D 200 6.35 16.50 -10.89
N VAL D 201 6.23 15.49 -10.05
CA VAL D 201 7.12 14.37 -10.08
C VAL D 201 6.27 13.10 -9.97
N ASN D 202 6.29 12.29 -11.03
CA ASN D 202 5.53 11.09 -11.08
C ASN D 202 6.35 9.95 -11.61
N ALA D 203 5.78 8.74 -11.50
CA ALA D 203 6.42 7.55 -12.00
C ALA D 203 5.47 6.69 -12.81
N VAL D 204 6.04 5.91 -13.70
CA VAL D 204 5.27 4.94 -14.44
C VAL D 204 5.89 3.59 -14.20
N ALA D 205 5.07 2.64 -13.76
CA ALA D 205 5.52 1.31 -13.39
C ALA D 205 5.04 0.26 -14.39
N PRO D 206 5.92 -0.12 -15.33
CA PRO D 206 5.53 -1.07 -16.34
C PRO D 206 5.39 -2.45 -15.77
N GLY D 207 4.48 -3.22 -16.35
CA GLY D 207 4.39 -4.65 -16.08
C GLY D 207 5.25 -5.41 -17.08
N PHE D 208 4.67 -6.42 -17.72
CA PHE D 208 5.32 -7.15 -18.79
C PHE D 208 5.17 -6.47 -20.13
N ILE D 209 6.22 -5.81 -20.59
CA ILE D 209 6.21 -5.07 -21.85
C ILE D 209 6.93 -5.83 -22.92
N ASP D 210 6.50 -5.68 -24.16
CA ASP D 210 7.16 -6.27 -25.33
C ASP D 210 8.46 -5.49 -25.69
N THR D 211 9.62 -6.04 -25.29
CA THR D 211 11.00 -5.45 -25.27
C THR D 211 12.13 -6.55 -25.15
N ASP D 212 13.34 -6.17 -24.69
CA ASP D 212 14.47 -7.12 -24.54
C ASP D 212 14.19 -8.24 -23.54
N MET D 213 13.62 -7.89 -22.40
CA MET D 213 13.24 -8.87 -21.37
C MET D 213 12.22 -9.86 -21.92
N THR D 214 11.23 -9.33 -22.63
CA THR D 214 10.12 -10.15 -23.20
C THR D 214 10.58 -11.16 -24.26
N ARG D 215 11.73 -10.88 -24.90
CA ARG D 215 12.34 -11.74 -25.91
C ARG D 215 13.44 -12.66 -25.31
N GLU D 216 13.33 -12.92 -24.01
CA GLU D 216 13.76 -14.20 -23.41
C GLU D 216 12.54 -15.06 -23.08
N LEU D 217 12.17 -16.00 -23.97
CA LEU D 217 10.74 -16.33 -24.13
C LEU D 217 10.39 -17.74 -24.65
N PRO D 218 10.59 -18.80 -23.83
CA PRO D 218 10.00 -20.11 -24.21
C PRO D 218 8.47 -20.08 -24.22
N GLU D 219 7.85 -20.54 -25.30
CA GLU D 219 6.38 -20.38 -25.45
C GLU D 219 5.50 -20.97 -24.31
N ALA D 220 5.95 -22.03 -23.65
CA ALA D 220 5.16 -22.59 -22.54
C ALA D 220 5.13 -21.61 -21.37
N GLN D 221 6.31 -21.08 -21.04
CA GLN D 221 6.42 -20.06 -19.99
C GLN D 221 5.74 -18.75 -20.40
N ARG D 222 5.81 -18.40 -21.67
CA ARG D 222 5.06 -17.28 -22.22
C ARG D 222 3.57 -17.37 -21.92
N GLU D 223 2.97 -18.50 -22.29
CA GLU D 223 1.52 -18.68 -22.12
C GLU D 223 1.13 -18.68 -20.65
N ALA D 224 1.99 -19.23 -19.81
CA ALA D 224 1.78 -19.17 -18.36
C ALA D 224 1.83 -17.71 -17.85
N LEU D 225 2.68 -16.91 -18.48
CA LEU D 225 2.79 -15.49 -18.16
C LEU D 225 1.54 -14.67 -18.56
N LEU D 226 1.09 -14.88 -19.80
CA LEU D 226 -0.11 -14.23 -20.30
C LEU D 226 -1.35 -14.62 -19.48
N GLY D 227 -1.32 -15.78 -18.83
CA GLY D 227 -2.40 -16.20 -17.93
C GLY D 227 -2.47 -15.45 -16.61
N GLN D 228 -1.37 -14.82 -16.20
CA GLN D 228 -1.34 -13.92 -15.01
C GLN D 228 -1.72 -12.44 -15.31
N ILE D 229 -1.90 -12.12 -16.58
CA ILE D 229 -2.21 -10.77 -17.01
C ILE D 229 -3.64 -10.77 -17.53
N PRO D 230 -4.57 -10.15 -16.80
CA PRO D 230 -5.98 -10.08 -17.24
C PRO D 230 -6.21 -9.65 -18.69
N LEU D 231 -5.46 -8.67 -19.19
CA LEU D 231 -5.62 -8.28 -20.59
C LEU D 231 -5.15 -9.38 -21.57
N GLY D 232 -4.43 -10.37 -21.07
CA GLY D 232 -4.06 -11.53 -21.87
C GLY D 232 -3.07 -11.20 -22.97
N ARG D 233 -2.29 -10.15 -22.78
CA ARG D 233 -1.26 -9.78 -23.74
C ARG D 233 -0.17 -8.96 -23.05
N LEU D 234 0.95 -8.78 -23.75
CA LEU D 234 2.04 -7.97 -23.30
C LEU D 234 1.75 -6.56 -23.72
N GLY D 235 2.25 -5.60 -22.95
CA GLY D 235 2.11 -4.21 -23.32
C GLY D 235 3.11 -3.83 -24.37
N GLN D 236 2.80 -2.82 -25.17
CA GLN D 236 3.74 -2.30 -26.13
C GLN D 236 4.50 -1.14 -25.49
N ALA D 237 5.71 -0.89 -25.96
CA ALA D 237 6.50 0.25 -25.50
C ALA D 237 5.76 1.55 -25.73
N GLU D 238 5.00 1.65 -26.83
CA GLU D 238 4.18 2.84 -27.14
C GLU D 238 3.17 3.13 -26.03
N GLU D 239 2.67 2.07 -25.39
CA GLU D 239 1.64 2.22 -24.38
C GLU D 239 2.18 2.81 -23.10
N ILE D 240 3.46 2.56 -22.81
CA ILE D 240 4.13 3.26 -21.74
C ILE D 240 4.33 4.72 -22.17
N ALA D 241 4.81 4.92 -23.39
CA ALA D 241 5.09 6.25 -23.92
C ALA D 241 3.87 7.16 -23.90
N LYS D 242 2.69 6.63 -24.16
CA LYS D 242 1.48 7.46 -24.13
C LYS D 242 1.21 8.03 -22.73
N VAL D 243 1.49 7.22 -21.71
CA VAL D 243 1.20 7.62 -20.35
C VAL D 243 2.15 8.72 -19.94
N VAL D 244 3.42 8.54 -20.29
CA VAL D 244 4.45 9.52 -20.04
C VAL D 244 4.08 10.85 -20.69
N GLY D 245 3.57 10.78 -21.92
CA GLY D 245 3.14 11.97 -22.66
C GLY D 245 2.02 12.74 -21.99
N PHE D 246 1.05 12.01 -21.46
CA PHE D 246 0.00 12.69 -20.73
C PHE D 246 0.54 13.39 -19.47
N LEU D 247 1.41 12.70 -18.73
CA LEU D 247 1.93 13.24 -17.49
C LEU D 247 2.75 14.53 -17.74
N ALA D 248 3.39 14.60 -18.90
CA ALA D 248 4.17 15.76 -19.29
C ALA D 248 3.31 16.96 -19.68
N SER D 249 2.03 16.72 -19.92
CA SER D 249 1.13 17.76 -20.42
C SER D 249 0.64 18.70 -19.34
N ASP D 250 -0.02 19.77 -19.76
CA ASP D 250 -0.60 20.74 -18.82
C ASP D 250 -1.79 20.17 -18.10
N GLY D 251 -2.47 19.23 -18.73
CA GLY D 251 -3.64 18.59 -18.12
C GLY D 251 -3.34 17.72 -16.91
N ALA D 252 -2.10 17.24 -16.77
CA ALA D 252 -1.71 16.41 -15.63
C ALA D 252 -1.01 17.26 -14.57
N ALA D 253 -1.31 18.55 -14.55
CA ALA D 253 -0.67 19.47 -13.61
C ALA D 253 -1.04 19.25 -12.15
N TYR D 254 -2.18 18.60 -11.88
CA TYR D 254 -2.53 18.33 -10.48
C TYR D 254 -2.14 16.93 -10.05
N VAL D 255 -1.51 16.19 -10.96
CA VAL D 255 -1.05 14.83 -10.66
C VAL D 255 0.38 14.98 -10.23
N THR D 256 0.67 14.64 -8.99
CA THR D 256 2.06 14.61 -8.57
C THR D 256 2.23 13.65 -7.42
N GLY D 257 3.39 13.03 -7.37
CA GLY D 257 3.68 11.97 -6.39
C GLY D 257 3.06 10.63 -6.74
N ALA D 258 2.49 10.51 -7.93
CA ALA D 258 1.79 9.31 -8.33
C ALA D 258 2.72 8.36 -9.02
N THR D 259 2.45 7.08 -8.83
CA THR D 259 3.02 6.04 -9.65
C THR D 259 1.87 5.42 -10.40
N VAL D 260 1.88 5.55 -11.71
CA VAL D 260 0.82 4.98 -12.53
C VAL D 260 1.28 3.61 -13.03
N PRO D 261 0.55 2.55 -12.63
CA PRO D 261 0.91 1.22 -13.13
C PRO D 261 0.36 0.99 -14.51
N VAL D 262 1.19 0.44 -15.38
CA VAL D 262 0.83 0.17 -16.74
C VAL D 262 1.19 -1.30 -16.99
N ASN D 263 0.35 -2.19 -16.48
CA ASN D 263 0.66 -3.59 -16.42
C ASN D 263 -0.47 -4.53 -16.84
N GLY D 264 -1.43 -4.01 -17.58
CA GLY D 264 -2.57 -4.81 -18.03
C GLY D 264 -3.27 -5.60 -16.93
N GLY D 265 -3.18 -5.11 -15.70
CA GLY D 265 -3.95 -5.67 -14.61
C GLY D 265 -3.22 -6.71 -13.78
N MET D 266 -1.94 -6.88 -14.04
CA MET D 266 -1.12 -7.84 -13.31
C MET D 266 -0.31 -7.09 -12.24
N TYR D 267 -0.71 -7.25 -10.98
CA TYR D 267 -0.08 -6.53 -9.85
C TYR D 267 0.71 -7.53 -8.97
N MET D 268 2.02 -7.42 -9.00
CA MET D 268 2.88 -8.20 -8.08
C MET D 268 3.65 -7.21 -7.18
N SER D 269 3.70 -7.48 -5.87
CA SER D 269 4.52 -6.66 -4.96
C SER D 269 4.83 -7.36 -3.62
#